data_3FZ5
#
_entry.id   3FZ5
#
_cell.length_a   47.769
_cell.length_b   48.724
_cell.length_c   95.206
_cell.angle_alpha   94.61
_cell.angle_beta   100.46
_cell.angle_gamma   90.10
#
_symmetry.space_group_name_H-M   'P 1'
#
loop_
_entity.id
_entity.type
_entity.pdbx_description
1 polymer 'Possible 2-hydroxychromene-2-carboxylate isomerase'
2 non-polymer GLUTATHIONE
3 non-polymer 'CALCIUM ION'
4 non-polymer 1,2-ETHANEDIOL
5 non-polymer 'TRIETHYLENE GLYCOL'
6 water water
#
_entity_poly.entity_id   1
_entity_poly.type   'polypeptide(L)'
_entity_poly.pdbx_seq_one_letter_code
;SNA(MSE)NPIEFWFDFSSGYAFFAAQRIEALAAELGRTVLWRPY(MSE)LGAAFSVTGARGLSSTPLKRDYAQRDWARI
ARQRGLTFRPPADHPHVALAATRAFYWIEAQSPDAATAFAQRVFDLYFSDRLDTASPEAVSRLGPEVGLEPEALLAGIAD
PALKETVRKIGEDAVARGIFGSPFFLVDDEPFWGWDR(MSE)E(MSE)(MSE)AEWIRTGGW
;
_entity_poly.pdbx_strand_id   A,B,C,D
#
loop_
_chem_comp.id
_chem_comp.type
_chem_comp.name
_chem_comp.formula
CA non-polymer 'CALCIUM ION' 'Ca 2'
EDO non-polymer 1,2-ETHANEDIOL 'C2 H6 O2'
GSH non-polymer GLUTATHIONE 'C10 H17 N3 O6 S'
PGE non-polymer 'TRIETHYLENE GLYCOL' 'C6 H14 O4'
#
# COMPACT_ATOMS: atom_id res chain seq x y z
N ALA A 3 10.14 -35.61 -43.04
CA ALA A 3 10.53 -34.41 -42.23
C ALA A 3 9.32 -33.51 -41.90
N MSE A 4 8.17 -34.14 -41.59
CA MSE A 4 6.88 -33.45 -41.58
C MSE A 4 6.40 -32.78 -40.29
O MSE A 4 6.05 -31.60 -40.33
CB MSE A 4 5.78 -34.35 -42.15
CG MSE A 4 5.37 -33.95 -43.56
SE MSE A 4 4.88 -32.06 -43.71
CE MSE A 4 3.17 -32.33 -44.62
N ASN A 5 6.33 -33.52 -39.18
CA ASN A 5 5.86 -32.93 -37.91
C ASN A 5 6.91 -32.93 -36.80
N PRO A 6 7.89 -32.04 -36.91
CA PRO A 6 8.99 -32.12 -35.98
C PRO A 6 8.65 -31.47 -34.63
N ILE A 7 9.40 -31.85 -33.59
CA ILE A 7 9.45 -31.11 -32.33
C ILE A 7 10.25 -29.85 -32.63
N GLU A 8 9.65 -28.68 -32.43
CA GLU A 8 10.39 -27.44 -32.60
C GLU A 8 11.15 -27.15 -31.33
N PHE A 9 12.46 -27.01 -31.46
CA PHE A 9 13.36 -26.70 -30.37
C PHE A 9 13.79 -25.24 -30.52
N TRP A 10 13.19 -24.35 -29.74
CA TRP A 10 13.55 -22.93 -29.76
C TRP A 10 14.52 -22.62 -28.62
N PHE A 11 15.55 -21.82 -28.91
CA PHE A 11 16.56 -21.52 -27.88
C PHE A 11 17.43 -20.31 -28.19
N ASP A 12 18.16 -19.87 -27.18
CA ASP A 12 19.28 -18.94 -27.31
C ASP A 12 20.54 -19.76 -27.00
N PHE A 13 21.56 -19.61 -27.85
CA PHE A 13 22.84 -20.31 -27.72
C PHE A 13 23.57 -20.02 -26.39
N SER A 14 23.37 -18.81 -25.85
CA SER A 14 24.00 -18.43 -24.59
C SER A 14 23.26 -18.96 -23.36
N SER A 15 22.19 -19.73 -23.61
CA SER A 15 21.30 -20.23 -22.56
C SER A 15 21.79 -21.56 -22.00
N GLY A 16 22.15 -21.55 -20.72
CA GLY A 16 22.66 -22.74 -20.02
C GLY A 16 21.70 -23.90 -20.06
N TYR A 17 20.43 -23.63 -19.80
CA TYR A 17 19.40 -24.65 -19.84
C TYR A 17 19.16 -25.18 -21.25
N ALA A 18 19.29 -24.33 -22.25
CA ALA A 18 19.22 -24.80 -23.64
C ALA A 18 20.38 -25.77 -23.89
N PHE A 19 21.53 -25.52 -23.26
CA PHE A 19 22.69 -26.39 -23.44
C PHE A 19 22.35 -27.83 -23.09
N PHE A 20 21.69 -27.99 -21.94
CA PHE A 20 21.43 -29.33 -21.41
C PHE A 20 20.38 -30.05 -22.23
N ALA A 21 19.39 -29.29 -22.68
CA ALA A 21 18.38 -29.77 -23.64
C ALA A 21 19.04 -30.24 -24.93
N ALA A 22 20.04 -29.49 -25.39
CA ALA A 22 20.73 -29.80 -26.64
C ALA A 22 21.50 -31.11 -26.56
N GLN A 23 22.00 -31.43 -25.36
CA GLN A 23 22.69 -32.69 -25.11
C GLN A 23 21.71 -33.88 -25.14
N ARG A 24 20.42 -33.58 -25.20
CA ARG A 24 19.42 -34.59 -24.93
C ARG A 24 18.36 -34.78 -26.03
N ILE A 25 18.05 -33.71 -26.76
CA ILE A 25 16.83 -33.68 -27.56
C ILE A 25 16.75 -34.74 -28.68
N GLU A 26 17.77 -34.83 -29.53
CA GLU A 26 17.83 -35.81 -30.62
C GLU A 26 17.56 -37.24 -30.18
N ALA A 27 18.24 -37.66 -29.12
CA ALA A 27 18.09 -39.00 -28.55
C ALA A 27 16.66 -39.27 -28.05
N LEU A 28 16.10 -38.33 -27.28
CA LEU A 28 14.70 -38.41 -26.83
C LEU A 28 13.76 -38.52 -28.02
N ALA A 29 13.94 -37.63 -28.99
CA ALA A 29 13.15 -37.58 -30.21
C ALA A 29 13.24 -38.89 -30.95
N ALA A 30 14.47 -39.42 -31.03
CA ALA A 30 14.72 -40.70 -31.72
C ALA A 30 14.10 -41.87 -30.96
N GLU A 31 14.04 -41.76 -29.64
CA GLU A 31 13.37 -42.73 -28.78
C GLU A 31 11.85 -42.64 -28.95
N LEU A 32 11.36 -41.41 -29.17
CA LEU A 32 9.94 -41.15 -29.37
C LEU A 32 9.44 -41.34 -30.80
N GLY A 33 10.35 -41.54 -31.75
CA GLY A 33 9.98 -41.63 -33.18
C GLY A 33 9.67 -40.31 -33.89
N ARG A 34 10.23 -39.22 -33.38
CA ARG A 34 10.02 -37.86 -33.94
C ARG A 34 11.33 -37.25 -34.47
N THR A 35 11.22 -36.15 -35.22
CA THR A 35 12.42 -35.37 -35.58
C THR A 35 12.40 -34.04 -34.89
N VAL A 36 13.52 -33.33 -34.91
CA VAL A 36 13.68 -32.07 -34.21
C VAL A 36 13.96 -30.92 -35.18
N LEU A 37 13.16 -29.87 -35.15
CA LEU A 37 13.47 -28.66 -35.90
C LEU A 37 14.14 -27.63 -34.99
N TRP A 38 15.47 -27.50 -35.15
CA TRP A 38 16.30 -26.59 -34.34
C TRP A 38 16.08 -25.15 -34.76
N ARG A 39 15.73 -24.30 -33.80
CA ARG A 39 15.44 -22.89 -34.09
C ARG A 39 16.09 -21.91 -33.10
N PRO A 40 17.34 -21.47 -33.38
CA PRO A 40 17.96 -20.44 -32.55
C PRO A 40 17.36 -19.06 -32.80
N TYR A 41 17.18 -18.29 -31.74
CA TYR A 41 16.65 -16.91 -31.87
C TYR A 41 17.20 -15.96 -30.80
N MSE A 42 17.26 -14.69 -31.15
CA MSE A 42 17.88 -13.67 -30.30
C MSE A 42 16.94 -13.04 -29.27
O MSE A 42 17.39 -12.30 -28.39
CB MSE A 42 18.50 -12.58 -31.17
CG MSE A 42 19.71 -13.05 -31.97
SE MSE A 42 21.19 -13.60 -30.82
CE MSE A 42 21.83 -11.84 -30.34
N LEU A 43 15.65 -13.32 -29.37
CA LEU A 43 14.67 -12.76 -28.43
C LEU A 43 14.52 -13.59 -27.15
N GLY A 44 15.15 -14.77 -27.13
CA GLY A 44 15.03 -15.71 -26.03
C GLY A 44 15.90 -15.39 -24.83
N LEU A 55 18.32 -2.07 -5.64
CA LEU A 55 18.53 -3.50 -5.57
C LEU A 55 17.30 -4.25 -6.08
N SER A 56 17.53 -5.21 -6.97
CA SER A 56 16.46 -6.02 -7.54
C SER A 56 16.67 -7.49 -7.19
N SER A 57 15.96 -8.37 -7.91
CA SER A 57 15.96 -9.81 -7.61
C SER A 57 16.86 -10.64 -8.53
N THR A 58 17.35 -10.04 -9.62
CA THR A 58 18.03 -10.82 -10.68
C THR A 58 19.50 -11.24 -10.40
N PRO A 59 20.22 -10.53 -9.49
CA PRO A 59 21.46 -11.08 -8.90
C PRO A 59 21.27 -12.41 -8.14
N LEU A 60 20.16 -12.54 -7.40
CA LEU A 60 19.80 -13.80 -6.75
C LEU A 60 19.44 -14.86 -7.79
N LYS A 61 18.86 -14.40 -8.88
CA LYS A 61 18.30 -15.26 -9.91
C LYS A 61 19.41 -15.79 -10.81
N ARG A 62 20.32 -14.91 -11.20
CA ARG A 62 21.48 -15.29 -11.99
C ARG A 62 22.31 -16.25 -11.16
N ASP A 63 22.57 -15.87 -9.91
CA ASP A 63 23.39 -16.66 -9.02
C ASP A 63 22.82 -18.06 -8.75
N TYR A 64 21.49 -18.16 -8.67
CA TYR A 64 20.82 -19.45 -8.55
C TYR A 64 21.03 -20.30 -9.79
N ALA A 65 20.92 -19.68 -10.96
CA ALA A 65 20.98 -20.43 -12.21
C ALA A 65 22.35 -21.05 -12.40
N GLN A 66 23.42 -20.30 -12.11
CA GLN A 66 24.75 -20.85 -12.30
C GLN A 66 25.01 -22.01 -11.34
N ARG A 67 24.55 -21.87 -10.10
CA ARG A 67 24.58 -22.96 -9.13
C ARG A 67 23.81 -24.15 -9.67
N ASP A 68 22.63 -23.86 -10.20
CA ASP A 68 21.77 -24.88 -10.75
C ASP A 68 22.40 -25.59 -11.95
N TRP A 69 23.04 -24.83 -12.84
CA TRP A 69 23.70 -25.44 -14.00
C TRP A 69 24.84 -26.35 -13.58
N ALA A 70 25.64 -25.86 -12.63
CA ALA A 70 26.81 -26.58 -12.17
C ALA A 70 26.37 -27.94 -11.62
N ARG A 71 25.29 -27.96 -10.82
CA ARG A 71 24.85 -29.23 -10.23
C ARG A 71 24.24 -30.19 -11.23
N ILE A 72 23.50 -29.66 -12.21
CA ILE A 72 22.95 -30.47 -13.30
C ILE A 72 24.10 -31.10 -14.07
N ALA A 73 25.16 -30.32 -14.27
CA ALA A 73 26.31 -30.78 -15.04
C ALA A 73 27.10 -31.85 -14.29
N ARG A 74 27.23 -31.69 -12.97
CA ARG A 74 27.88 -32.70 -12.12
C ARG A 74 27.11 -34.02 -12.15
N GLN A 75 25.81 -33.94 -11.95
CA GLN A 75 24.95 -35.11 -11.81
C GLN A 75 24.98 -36.02 -13.04
N ARG A 76 25.03 -35.39 -14.21
CA ARG A 76 25.06 -36.10 -15.47
C ARG A 76 26.48 -36.29 -16.00
N GLY A 77 27.43 -35.62 -15.35
CA GLY A 77 28.85 -35.71 -15.70
C GLY A 77 29.20 -35.06 -17.03
N LEU A 78 28.60 -33.90 -17.29
CA LEU A 78 28.84 -33.19 -18.53
C LEU A 78 29.78 -32.01 -18.28
N THR A 79 30.50 -31.62 -19.33
CA THR A 79 31.32 -30.43 -19.29
C THR A 79 30.44 -29.19 -19.35
N PHE A 80 30.62 -28.32 -18.37
CA PHE A 80 29.91 -27.05 -18.36
C PHE A 80 30.80 -25.95 -17.80
N ARG A 81 31.40 -25.21 -18.73
CA ARG A 81 32.44 -24.24 -18.47
C ARG A 81 32.18 -23.06 -19.42
N PRO A 82 31.29 -22.14 -19.02
CA PRO A 82 30.97 -20.96 -19.84
C PRO A 82 32.14 -19.99 -19.92
N PRO A 83 32.18 -19.12 -20.96
CA PRO A 83 33.25 -18.13 -21.05
C PRO A 83 33.22 -17.25 -19.81
N ALA A 84 34.36 -16.66 -19.45
CA ALA A 84 34.48 -15.91 -18.20
C ALA A 84 33.52 -14.72 -18.11
N ASP A 85 33.13 -14.19 -19.26
CA ASP A 85 32.22 -13.06 -19.36
C ASP A 85 30.86 -13.47 -19.97
N HIS A 86 30.37 -14.63 -19.55
CA HIS A 86 29.05 -15.11 -19.93
C HIS A 86 27.99 -14.10 -19.45
N PRO A 87 26.86 -13.96 -20.17
CA PRO A 87 26.56 -14.59 -21.46
C PRO A 87 27.00 -13.73 -22.64
N HIS A 88 27.29 -14.39 -23.76
CA HIS A 88 27.65 -13.71 -24.99
C HIS A 88 26.41 -13.43 -25.80
N VAL A 89 26.42 -12.32 -26.54
CA VAL A 89 25.35 -11.99 -27.49
C VAL A 89 25.58 -12.82 -28.77
N ALA A 90 24.91 -13.96 -28.85
CA ALA A 90 25.21 -14.93 -29.90
C ALA A 90 24.54 -14.62 -31.25
N LEU A 91 24.92 -13.47 -31.81
CA LEU A 91 24.37 -12.97 -33.07
C LEU A 91 24.95 -13.66 -34.32
N ALA A 92 26.27 -13.87 -34.30
CA ALA A 92 26.99 -14.47 -35.41
C ALA A 92 26.58 -15.93 -35.68
N ALA A 93 26.52 -16.73 -34.60
CA ALA A 93 26.26 -18.17 -34.68
C ALA A 93 24.83 -18.43 -35.06
N THR A 94 23.94 -17.59 -34.55
CA THR A 94 22.52 -17.70 -34.87
C THR A 94 22.32 -17.48 -36.38
N ARG A 95 22.87 -16.38 -36.90
CA ARG A 95 22.83 -16.08 -38.32
C ARG A 95 23.45 -17.21 -39.14
N ALA A 96 24.57 -17.72 -38.62
CA ALA A 96 25.32 -18.79 -39.27
C ALA A 96 24.50 -20.08 -39.37
N PHE A 97 23.72 -20.37 -38.33
CA PHE A 97 22.84 -21.52 -38.32
C PHE A 97 21.82 -21.47 -39.48
N TYR A 98 21.26 -20.30 -39.72
CA TYR A 98 20.25 -20.17 -40.76
C TYR A 98 20.85 -20.12 -42.16
N TRP A 99 21.97 -19.42 -42.30
CA TRP A 99 22.76 -19.50 -43.52
C TRP A 99 23.10 -20.95 -43.81
N ILE A 100 23.51 -21.70 -42.78
CA ILE A 100 23.86 -23.11 -42.96
C ILE A 100 22.65 -23.95 -43.36
N GLU A 101 21.52 -23.76 -42.66
CA GLU A 101 20.30 -24.50 -42.95
C GLU A 101 19.87 -24.38 -44.41
N ALA A 102 20.04 -23.18 -44.97
CA ALA A 102 19.71 -22.92 -46.37
C ALA A 102 20.42 -23.92 -47.28
N GLN A 103 21.68 -24.20 -46.97
CA GLN A 103 22.50 -25.17 -47.71
C GLN A 103 22.23 -26.63 -47.32
N SER A 104 22.11 -26.89 -46.02
CA SER A 104 21.79 -28.23 -45.51
C SER A 104 21.27 -28.20 -44.08
N PRO A 105 20.01 -28.66 -43.89
CA PRO A 105 19.44 -28.76 -42.55
C PRO A 105 20.31 -29.62 -41.62
N ASP A 106 20.68 -30.82 -42.08
CA ASP A 106 21.46 -31.76 -41.24
C ASP A 106 22.77 -31.12 -40.76
N ALA A 107 23.40 -30.33 -41.62
CA ALA A 107 24.63 -29.60 -41.28
C ALA A 107 24.39 -28.46 -40.29
N ALA A 108 23.23 -27.81 -40.42
CA ALA A 108 22.83 -26.75 -39.49
C ALA A 108 22.69 -27.30 -38.06
N THR A 109 22.14 -28.51 -37.94
CA THR A 109 22.02 -29.19 -36.66
C THR A 109 23.40 -29.59 -36.13
N ALA A 110 24.22 -30.23 -36.97
CA ALA A 110 25.60 -30.54 -36.60
C ALA A 110 26.29 -29.29 -36.08
N PHE A 111 26.24 -28.21 -36.88
CA PHE A 111 26.83 -26.93 -36.52
C PHE A 111 26.31 -26.46 -35.17
N ALA A 112 25.01 -26.63 -34.94
CA ALA A 112 24.36 -26.16 -33.71
C ALA A 112 24.79 -26.98 -32.50
N GLN A 113 24.78 -28.30 -32.64
CA GLN A 113 25.34 -29.21 -31.66
C GLN A 113 26.72 -28.75 -31.22
N ARG A 114 27.59 -28.54 -32.21
CA ARG A 114 28.99 -28.17 -31.99
C ARG A 114 29.09 -26.85 -31.24
N VAL A 115 28.33 -25.85 -31.67
CA VAL A 115 28.34 -24.54 -31.02
C VAL A 115 28.07 -24.65 -29.52
N PHE A 116 27.07 -25.46 -29.15
CA PHE A 116 26.75 -25.68 -27.76
C PHE A 116 27.95 -26.29 -27.03
N ASP A 117 28.48 -27.38 -27.60
CA ASP A 117 29.62 -28.06 -27.03
C ASP A 117 30.81 -27.12 -26.84
N LEU A 118 31.11 -26.34 -27.88
CA LEU A 118 32.25 -25.42 -27.85
C LEU A 118 32.05 -24.19 -26.98
N TYR A 119 30.86 -23.59 -26.99
CA TYR A 119 30.62 -22.39 -26.21
C TYR A 119 30.68 -22.67 -24.71
N PHE A 120 30.11 -23.79 -24.30
CA PHE A 120 30.01 -24.17 -22.89
C PHE A 120 31.15 -25.08 -22.42
N SER A 121 32.25 -25.07 -23.16
CA SER A 121 33.53 -25.53 -22.66
C SER A 121 34.56 -24.43 -22.88
N ASP A 122 34.05 -23.21 -23.09
CA ASP A 122 34.85 -21.98 -23.26
C ASP A 122 35.85 -22.07 -24.43
N ARG A 123 35.35 -22.42 -25.62
CA ARG A 123 36.22 -22.53 -26.80
C ARG A 123 35.70 -21.74 -28.02
N LEU A 124 34.52 -21.11 -27.88
CA LEU A 124 33.93 -20.35 -28.99
C LEU A 124 33.25 -19.05 -28.58
N ASP A 125 33.68 -17.96 -29.21
CA ASP A 125 33.03 -16.67 -29.08
C ASP A 125 31.89 -16.58 -30.11
N THR A 126 30.65 -16.76 -29.66
CA THR A 126 29.51 -16.81 -30.60
C THR A 126 29.04 -15.42 -31.07
N ALA A 127 29.71 -14.37 -30.58
CA ALA A 127 29.51 -13.01 -31.05
C ALA A 127 30.51 -12.66 -32.18
N SER A 128 31.41 -13.59 -32.50
CA SER A 128 32.47 -13.37 -33.46
C SER A 128 32.24 -14.14 -34.75
N PRO A 129 32.07 -13.40 -35.88
CA PRO A 129 31.88 -14.03 -37.20
C PRO A 129 33.09 -14.86 -37.66
N GLU A 130 34.30 -14.32 -37.52
CA GLU A 130 35.52 -15.09 -37.87
C GLU A 130 35.60 -16.40 -37.08
N ALA A 131 35.44 -16.30 -35.75
CA ALA A 131 35.57 -17.47 -34.88
C ALA A 131 34.52 -18.54 -35.19
N VAL A 132 33.29 -18.10 -35.47
CA VAL A 132 32.19 -19.00 -35.83
C VAL A 132 32.38 -19.65 -37.21
N SER A 133 32.82 -18.87 -38.20
CA SER A 133 33.06 -19.38 -39.54
C SER A 133 34.03 -20.58 -39.58
N ARG A 134 34.87 -20.68 -38.55
CA ARG A 134 35.88 -21.73 -38.45
C ARG A 134 35.27 -23.11 -38.22
N LEU A 135 33.97 -23.13 -37.93
CA LEU A 135 33.27 -24.40 -37.76
C LEU A 135 32.69 -24.85 -39.09
N GLY A 136 32.88 -24.02 -40.12
CA GLY A 136 32.42 -24.32 -41.48
C GLY A 136 32.94 -25.65 -41.99
N PRO A 137 34.27 -25.85 -41.99
CA PRO A 137 34.84 -27.09 -42.54
C PRO A 137 34.32 -28.35 -41.86
N GLU A 138 34.11 -28.28 -40.54
CA GLU A 138 33.56 -29.39 -39.74
C GLU A 138 32.17 -29.82 -40.20
N VAL A 139 31.48 -28.91 -40.89
CA VAL A 139 30.17 -29.17 -41.48
C VAL A 139 30.24 -29.27 -43.02
N GLY A 140 31.42 -28.96 -43.58
CA GLY A 140 31.63 -29.09 -45.03
C GLY A 140 31.53 -27.82 -45.86
N LEU A 141 31.44 -26.67 -45.20
CA LEU A 141 31.34 -25.38 -45.88
C LEU A 141 32.58 -24.54 -45.58
N GLU A 142 32.85 -23.55 -46.41
CA GLU A 142 34.08 -22.78 -46.26
C GLU A 142 33.89 -21.45 -45.54
N PRO A 143 34.80 -21.15 -44.57
CA PRO A 143 34.66 -20.05 -43.61
C PRO A 143 34.32 -18.70 -44.23
N GLU A 144 34.98 -18.35 -45.33
CA GLU A 144 34.72 -17.07 -46.00
C GLU A 144 33.44 -17.06 -46.84
N ALA A 145 32.95 -18.25 -47.20
CA ALA A 145 31.62 -18.36 -47.81
C ALA A 145 30.55 -18.18 -46.74
N LEU A 146 30.82 -18.71 -45.55
CA LEU A 146 29.97 -18.49 -44.39
C LEU A 146 29.97 -17.01 -43.97
N LEU A 147 31.16 -16.43 -43.84
CA LEU A 147 31.35 -15.00 -43.55
C LEU A 147 30.70 -14.09 -44.59
N ALA A 148 30.67 -14.55 -45.85
CA ALA A 148 29.96 -13.84 -46.92
C ALA A 148 28.46 -13.83 -46.61
N GLY A 149 27.91 -15.00 -46.29
CA GLY A 149 26.48 -15.14 -46.06
C GLY A 149 25.93 -14.35 -44.88
N ILE A 150 26.63 -14.38 -43.76
CA ILE A 150 26.17 -13.71 -42.55
C ILE A 150 26.36 -12.19 -42.57
N ALA A 151 27.04 -11.69 -43.60
CA ALA A 151 27.29 -10.25 -43.76
C ALA A 151 26.24 -9.56 -44.65
N ASP A 152 25.40 -10.37 -45.30
CA ASP A 152 24.32 -9.90 -46.18
C ASP A 152 23.17 -9.25 -45.39
N PRO A 153 22.85 -7.97 -45.71
CA PRO A 153 21.80 -7.26 -44.92
C PRO A 153 20.46 -8.01 -44.84
N ALA A 154 20.07 -8.65 -45.94
CA ALA A 154 18.80 -9.37 -46.06
C ALA A 154 18.70 -10.60 -45.14
N LEU A 155 19.73 -11.42 -45.13
CA LEU A 155 19.79 -12.56 -44.22
C LEU A 155 19.70 -12.06 -42.77
N LYS A 156 20.45 -11.00 -42.46
CA LYS A 156 20.33 -10.33 -41.16
C LYS A 156 18.89 -9.96 -40.81
N GLU A 157 18.17 -9.38 -41.76
CA GLU A 157 16.75 -9.07 -41.57
C GLU A 157 15.92 -10.34 -41.44
N THR A 158 16.21 -11.35 -42.26
CA THR A 158 15.49 -12.63 -42.23
C THR A 158 15.66 -13.44 -40.91
N VAL A 159 16.89 -13.54 -40.41
CA VAL A 159 17.12 -14.17 -39.11
C VAL A 159 16.32 -13.46 -38.01
N ARG A 160 16.57 -12.16 -37.80
CA ARG A 160 15.86 -11.35 -36.81
C ARG A 160 14.35 -11.56 -36.88
N LYS A 161 13.81 -11.55 -38.11
CA LYS A 161 12.38 -11.68 -38.36
C LYS A 161 11.84 -13.01 -37.86
N ILE A 162 12.60 -14.09 -38.05
CA ILE A 162 12.21 -15.40 -37.50
C ILE A 162 11.97 -15.31 -35.97
N GLY A 163 12.85 -14.61 -35.28
CA GLY A 163 12.74 -14.41 -33.84
C GLY A 163 11.56 -13.53 -33.47
N GLU A 164 11.49 -12.36 -34.08
CA GLU A 164 10.37 -11.43 -33.88
C GLU A 164 9.03 -12.13 -34.06
N ASP A 165 8.85 -12.78 -35.21
CA ASP A 165 7.62 -13.52 -35.50
C ASP A 165 7.32 -14.64 -34.48
N ALA A 166 8.34 -15.36 -34.06
CA ALA A 166 8.21 -16.38 -33.00
C ALA A 166 7.66 -15.77 -31.71
N VAL A 167 8.14 -14.57 -31.38
CA VAL A 167 7.67 -13.87 -30.19
C VAL A 167 6.19 -13.51 -30.31
N ALA A 168 5.78 -13.02 -31.48
CA ALA A 168 4.37 -12.69 -31.76
C ALA A 168 3.46 -13.92 -31.72
N ARG A 169 4.00 -15.08 -32.07
CA ARG A 169 3.26 -16.34 -31.96
C ARG A 169 3.30 -16.96 -30.55
N GLY A 170 3.79 -16.21 -29.56
CA GLY A 170 3.86 -16.69 -28.18
C GLY A 170 4.94 -17.71 -27.89
N ILE A 171 6.09 -17.59 -28.56
CA ILE A 171 7.29 -18.33 -28.19
C ILE A 171 8.10 -17.37 -27.34
N PHE A 172 8.56 -17.82 -26.19
CA PHE A 172 9.38 -17.00 -25.31
C PHE A 172 10.34 -17.91 -24.54
N GLY A 173 11.44 -17.34 -24.05
CA GLY A 173 12.38 -18.06 -23.20
C GLY A 173 13.31 -19.02 -23.92
N SER A 174 13.96 -19.89 -23.13
CA SER A 174 14.99 -20.79 -23.63
C SER A 174 15.27 -21.92 -22.64
N PRO A 175 14.97 -23.17 -23.02
CA PRO A 175 14.43 -23.63 -24.29
C PRO A 175 12.91 -23.70 -24.30
N PHE A 176 12.32 -23.57 -25.48
CA PHE A 176 10.89 -23.64 -25.68
C PHE A 176 10.57 -24.70 -26.76
N PHE A 177 9.81 -25.73 -26.39
CA PHE A 177 9.48 -26.84 -27.29
C PHE A 177 8.00 -26.82 -27.70
N LEU A 178 7.78 -26.79 -29.01
CA LEU A 178 6.45 -26.91 -29.58
C LEU A 178 6.39 -28.23 -30.32
N VAL A 179 5.53 -29.14 -29.84
CA VAL A 179 5.25 -30.40 -30.55
C VAL A 179 3.74 -30.60 -30.68
N ASP A 180 3.27 -30.77 -31.92
CA ASP A 180 1.85 -30.87 -32.27
C ASP A 180 1.01 -29.76 -31.64
N ASP A 181 1.50 -28.54 -31.79
CA ASP A 181 0.88 -27.31 -31.30
C ASP A 181 0.99 -27.08 -29.79
N GLU A 182 1.37 -28.11 -29.05
CA GLU A 182 1.44 -28.03 -27.58
C GLU A 182 2.76 -27.42 -27.13
N PRO A 183 2.68 -26.30 -26.39
CA PRO A 183 3.87 -25.62 -25.87
C PRO A 183 4.39 -26.23 -24.57
N PHE A 184 5.71 -26.41 -24.50
CA PHE A 184 6.36 -26.84 -23.28
C PHE A 184 7.58 -25.96 -23.04
N TRP A 185 7.52 -25.14 -22.00
CA TRP A 185 8.59 -24.20 -21.75
C TRP A 185 9.57 -24.68 -20.68
N GLY A 186 10.84 -24.70 -21.04
CA GLY A 186 11.92 -24.95 -20.09
C GLY A 186 12.54 -26.33 -20.18
N TRP A 187 13.80 -26.39 -19.75
CA TRP A 187 14.53 -27.65 -19.72
C TRP A 187 13.79 -28.68 -18.88
N ASP A 188 13.15 -28.21 -17.81
CA ASP A 188 12.35 -29.04 -16.93
C ASP A 188 11.16 -29.76 -17.58
N ARG A 189 10.59 -29.19 -18.64
CA ARG A 189 9.39 -29.75 -19.27
C ARG A 189 9.65 -30.85 -20.30
N MSE A 190 10.93 -31.14 -20.55
CA MSE A 190 11.29 -32.19 -21.51
C MSE A 190 10.66 -33.50 -21.11
O MSE A 190 10.29 -34.30 -21.96
CB MSE A 190 12.80 -32.36 -21.59
CG MSE A 190 13.50 -31.13 -22.14
SE MSE A 190 15.24 -31.56 -22.84
CE MSE A 190 14.66 -32.46 -24.45
N GLU A 191 10.50 -33.67 -19.81
CA GLU A 191 9.96 -34.91 -19.26
C GLU A 191 8.45 -35.00 -19.52
N MSE A 192 7.72 -33.94 -19.22
CA MSE A 192 6.29 -33.87 -19.50
C MSE A 192 5.98 -33.98 -20.99
O MSE A 192 5.00 -34.63 -21.40
CB MSE A 192 5.72 -32.55 -18.97
CG MSE A 192 4.25 -32.43 -19.14
SE MSE A 192 3.59 -30.83 -18.32
CE MSE A 192 4.12 -31.23 -16.48
N MSE A 193 6.81 -33.34 -21.79
CA MSE A 193 6.65 -33.30 -23.22
C MSE A 193 6.75 -34.71 -23.81
O MSE A 193 5.93 -35.09 -24.66
CB MSE A 193 7.73 -32.41 -23.82
CG MSE A 193 7.49 -32.08 -25.26
SE MSE A 193 9.14 -31.57 -26.08
CE MSE A 193 10.09 -33.26 -25.92
N ALA A 194 7.75 -35.48 -23.36
CA ALA A 194 7.92 -36.86 -23.76
C ALA A 194 6.63 -37.62 -23.50
N GLU A 195 6.09 -37.44 -22.29
CA GLU A 195 4.82 -38.06 -21.92
C GLU A 195 3.66 -37.60 -22.83
N TRP A 196 3.64 -36.32 -23.19
CA TRP A 196 2.62 -35.79 -24.10
C TRP A 196 2.67 -36.41 -25.51
N ILE A 197 3.87 -36.81 -25.95
CA ILE A 197 4.06 -37.44 -27.25
C ILE A 197 3.66 -38.93 -27.18
N ARG A 198 4.13 -39.63 -26.14
CA ARG A 198 3.84 -41.06 -25.96
C ARG A 198 2.35 -41.36 -25.77
N THR A 199 1.69 -40.55 -24.94
CA THR A 199 0.29 -40.79 -24.57
C THR A 199 -0.69 -40.15 -25.57
N GLY A 200 -0.16 -39.45 -26.56
CA GLY A 200 -1.01 -38.70 -27.50
C GLY A 200 -1.65 -37.48 -26.87
N GLY A 201 -1.55 -37.34 -25.54
CA GLY A 201 -2.09 -36.18 -24.83
C GLY A 201 -3.02 -36.49 -23.68
N TRP A 202 -3.49 -35.43 -23.00
CA TRP A 202 -4.46 -35.52 -21.89
C TRP A 202 -5.14 -34.17 -21.66
N MSE B 4 14.16 -29.20 13.17
N MSE B 4 14.21 -29.67 13.26
CA MSE B 4 15.62 -29.03 13.45
CA MSE B 4 15.40 -28.76 13.35
C MSE B 4 16.46 -29.19 12.19
C MSE B 4 16.25 -28.81 12.07
O MSE B 4 17.68 -28.98 12.21
O MSE B 4 17.29 -28.16 11.98
CB MSE B 4 16.07 -29.99 14.55
CB MSE B 4 16.27 -29.11 14.55
CG MSE B 4 16.99 -29.38 15.60
CG MSE B 4 17.39 -30.11 14.26
SE MSE B 4 16.66 -28.48 16.54
SE MSE B 4 16.83 -31.97 14.42
CE MSE B 4 16.57 -28.10 16.87
CE MSE B 4 16.92 -32.16 16.37
N ASN B 5 15.81 -29.61 11.10
CA ASN B 5 16.36 -29.58 9.74
C ASN B 5 15.20 -29.72 8.76
N PRO B 6 14.22 -28.79 8.84
CA PRO B 6 13.00 -28.91 8.01
C PRO B 6 13.30 -28.62 6.55
N ILE B 7 12.51 -29.20 5.64
CA ILE B 7 12.37 -28.66 4.28
C ILE B 7 11.58 -27.37 4.41
N GLU B 8 12.19 -26.25 4.05
CA GLU B 8 11.46 -24.98 4.05
C GLU B 8 10.66 -24.86 2.75
N PHE B 9 9.38 -24.51 2.89
CA PHE B 9 8.47 -24.37 1.77
C PHE B 9 8.05 -22.91 1.62
N TRP B 10 8.83 -22.16 0.86
CA TRP B 10 8.52 -20.77 0.57
C TRP B 10 7.58 -20.66 -0.63
N PHE B 11 6.48 -19.91 -0.45
CA PHE B 11 5.48 -19.77 -1.50
C PHE B 11 4.70 -18.46 -1.38
N ASP B 12 4.06 -18.06 -2.46
CA ASP B 12 2.98 -17.06 -2.44
C ASP B 12 1.67 -17.83 -2.56
N PHE B 13 0.66 -17.45 -1.78
CA PHE B 13 -0.67 -18.11 -1.83
C PHE B 13 -1.34 -17.96 -3.22
N SER B 14 -1.01 -16.90 -3.95
CA SER B 14 -1.56 -16.70 -5.28
C SER B 14 -0.75 -17.41 -6.36
N SER B 15 0.05 -18.38 -5.97
CA SER B 15 0.92 -19.07 -6.92
C SER B 15 0.34 -20.39 -7.34
N GLY B 16 -0.01 -20.49 -8.63
CA GLY B 16 -0.51 -21.72 -9.21
C GLY B 16 0.46 -22.89 -9.00
N TYR B 17 1.75 -22.64 -9.19
CA TYR B 17 2.74 -23.71 -9.01
C TYR B 17 2.87 -24.12 -7.57
N ALA B 18 2.76 -23.15 -6.65
CA ALA B 18 2.77 -23.47 -5.22
C ALA B 18 1.56 -24.34 -4.86
N PHE B 19 0.44 -24.12 -5.55
CA PHE B 19 -0.74 -24.94 -5.32
C PHE B 19 -0.48 -26.42 -5.57
N PHE B 20 0.11 -26.76 -6.70
CA PHE B 20 0.42 -28.15 -6.99
C PHE B 20 1.49 -28.68 -6.04
N ALA B 21 2.47 -27.84 -5.67
CA ALA B 21 3.50 -28.25 -4.71
C ALA B 21 2.85 -28.49 -3.37
N ALA B 22 2.08 -27.50 -2.91
CA ALA B 22 1.40 -27.55 -1.62
C ALA B 22 0.62 -28.80 -1.51
N GLN B 23 0.40 -30.08 -1.32
CA GLN B 23 -0.54 -30.80 -2.13
C GLN B 23 0.27 -32.07 -2.16
N ARG B 24 1.52 -31.97 -2.59
CA ARG B 24 2.41 -33.11 -2.65
C ARG B 24 3.52 -33.06 -1.58
N ILE B 25 3.86 -31.85 -1.14
CA ILE B 25 4.99 -31.61 -0.22
C ILE B 25 4.99 -32.41 1.08
N GLU B 26 3.85 -32.45 1.76
N GLU B 26 3.86 -32.47 1.77
CA GLU B 26 3.70 -33.18 3.03
CA GLU B 26 3.78 -33.19 3.06
C GLU B 26 4.02 -34.68 2.87
C GLU B 26 3.97 -34.71 2.92
N ALA B 27 3.38 -35.31 1.88
CA ALA B 27 3.56 -36.74 1.64
C ALA B 27 5.00 -37.04 1.23
N LEU B 28 5.57 -36.19 0.39
CA LEU B 28 6.94 -36.39 -0.10
C LEU B 28 7.97 -36.34 1.02
N ALA B 29 7.85 -35.33 1.88
CA ALA B 29 8.72 -35.19 3.03
C ALA B 29 8.55 -36.37 4.00
N ALA B 30 7.31 -36.81 4.18
CA ALA B 30 7.05 -38.06 4.91
C ALA B 30 7.81 -39.26 4.30
N GLU B 31 7.65 -39.50 3.00
CA GLU B 31 8.39 -40.55 2.28
C GLU B 31 9.90 -40.42 2.46
N LEU B 32 10.39 -39.19 2.51
CA LEU B 32 11.82 -38.93 2.67
C LEU B 32 12.21 -38.79 4.14
N GLY B 33 11.23 -38.90 5.03
CA GLY B 33 11.45 -38.79 6.46
C GLY B 33 11.94 -37.43 6.92
N ARG B 34 11.32 -36.36 6.42
CA ARG B 34 11.66 -34.99 6.81
C ARG B 34 10.41 -34.24 7.25
N THR B 35 10.62 -33.09 7.90
CA THR B 35 9.52 -32.17 8.24
C THR B 35 9.45 -31.07 7.16
N VAL B 36 8.31 -30.39 7.07
CA VAL B 36 8.14 -29.26 6.15
C VAL B 36 7.81 -28.00 6.95
N LEU B 37 8.51 -26.92 6.67
CA LEU B 37 8.18 -25.64 7.26
C LEU B 37 7.55 -24.74 6.20
N TRP B 38 6.26 -24.44 6.37
CA TRP B 38 5.53 -23.64 5.40
C TRP B 38 5.80 -22.17 5.65
N ARG B 39 6.07 -21.45 4.58
CA ARG B 39 6.52 -20.06 4.68
C ARG B 39 5.87 -19.21 3.59
N PRO B 40 4.65 -18.71 3.85
CA PRO B 40 4.08 -17.82 2.84
C PRO B 40 4.81 -16.51 2.89
N TYR B 41 4.98 -15.90 1.73
CA TYR B 41 5.58 -14.57 1.65
C TYR B 41 5.08 -13.84 0.40
N MSE B 42 5.25 -12.52 0.40
CA MSE B 42 4.65 -11.67 -0.63
C MSE B 42 5.44 -11.63 -1.94
O MSE B 42 6.69 -11.62 -1.94
CB MSE B 42 4.44 -10.24 -0.08
CG MSE B 42 3.53 -10.16 1.16
SE MSE B 42 1.78 -10.93 0.79
CE MSE B 42 1.19 -9.67 -0.56
N LEU B 43 4.70 -11.63 -3.06
CA LEU B 43 5.25 -11.49 -4.43
C LEU B 43 4.27 -10.76 -5.35
N SER B 57 5.12 -10.98 -17.41
CA SER B 57 4.92 -9.69 -18.05
C SER B 57 4.01 -9.79 -19.28
N THR B 58 4.33 -10.70 -20.20
CA THR B 58 3.57 -10.87 -21.45
C THR B 58 2.17 -11.46 -21.23
N PRO B 59 1.18 -11.05 -22.06
CA PRO B 59 -0.10 -11.74 -22.02
C PRO B 59 0.05 -13.22 -22.37
N LEU B 60 0.73 -13.49 -23.48
CA LEU B 60 0.96 -14.86 -24.00
C LEU B 60 1.70 -15.76 -23.00
N LYS B 61 2.58 -15.16 -22.19
CA LYS B 61 3.27 -15.87 -21.12
C LYS B 61 2.31 -16.26 -20.00
N ARG B 62 1.36 -15.38 -19.71
CA ARG B 62 0.31 -15.69 -18.72
C ARG B 62 -0.69 -16.69 -19.29
N ASP B 63 -0.93 -16.60 -20.59
N ASP B 63 -0.95 -16.60 -20.59
CA ASP B 63 -1.77 -17.54 -21.33
CA ASP B 63 -1.78 -17.59 -21.27
C ASP B 63 -1.18 -18.96 -21.29
C ASP B 63 -1.18 -18.98 -21.20
N TYR B 64 0.16 -19.04 -21.30
CA TYR B 64 0.88 -20.31 -21.22
C TYR B 64 0.73 -20.91 -19.84
N ALA B 65 0.99 -20.09 -18.83
CA ALA B 65 0.91 -20.55 -17.43
C ALA B 65 -0.44 -21.21 -17.19
N GLN B 66 -1.51 -20.51 -17.59
CA GLN B 66 -2.87 -21.05 -17.52
C GLN B 66 -3.01 -22.39 -18.23
N ARG B 67 -2.41 -22.51 -19.41
CA ARG B 67 -2.47 -23.76 -20.15
C ARG B 67 -1.69 -24.84 -19.40
N ASP B 68 -0.57 -24.45 -18.81
CA ASP B 68 0.29 -25.39 -18.09
C ASP B 68 -0.39 -25.92 -16.82
N TRP B 69 -0.89 -25.01 -15.97
CA TRP B 69 -1.65 -25.38 -14.77
C TRP B 69 -2.82 -26.31 -15.07
N ALA B 70 -3.59 -25.96 -16.10
CA ALA B 70 -4.76 -26.77 -16.48
C ALA B 70 -4.30 -28.15 -16.92
N ARG B 71 -3.13 -28.18 -17.55
CA ARG B 71 -2.53 -29.38 -18.09
C ARG B 71 -1.98 -30.27 -16.97
N ILE B 72 -1.47 -29.63 -15.92
CA ILE B 72 -0.96 -30.35 -14.75
C ILE B 72 -2.11 -30.96 -13.96
N ALA B 73 -3.09 -30.12 -13.62
CA ALA B 73 -4.30 -30.51 -12.92
C ALA B 73 -4.97 -31.69 -13.61
N ARG B 74 -5.20 -31.55 -14.91
CA ARG B 74 -5.89 -32.55 -15.71
C ARG B 74 -5.22 -33.93 -15.58
N GLN B 75 -3.89 -33.94 -15.52
CA GLN B 75 -3.11 -35.16 -15.41
C GLN B 75 -3.18 -35.75 -14.00
N ARG B 76 -3.14 -34.89 -13.01
CA ARG B 76 -3.19 -35.33 -11.62
C ARG B 76 -4.60 -35.61 -11.12
N GLY B 77 -5.61 -35.36 -11.96
CA GLY B 77 -7.01 -35.49 -11.58
C GLY B 77 -7.38 -34.49 -10.50
N LEU B 78 -6.83 -33.28 -10.59
CA LEU B 78 -7.12 -32.21 -9.62
C LEU B 78 -8.06 -31.18 -10.21
N THR B 79 -8.92 -30.61 -9.39
CA THR B 79 -9.75 -29.51 -9.83
C THR B 79 -9.00 -28.23 -9.52
N PHE B 80 -8.95 -27.32 -10.49
CA PHE B 80 -8.11 -26.14 -10.40
C PHE B 80 -8.84 -24.97 -11.01
N ARG B 81 -9.20 -24.01 -10.17
CA ARG B 81 -10.03 -22.87 -10.61
C ARG B 81 -9.61 -21.60 -9.88
N PRO B 82 -8.66 -20.86 -10.48
CA PRO B 82 -8.26 -19.59 -9.89
C PRO B 82 -9.41 -18.62 -10.12
N PRO B 83 -9.53 -17.57 -9.27
CA PRO B 83 -10.62 -16.63 -9.51
C PRO B 83 -10.43 -15.82 -10.79
N ALA B 84 -11.50 -15.14 -11.21
CA ALA B 84 -11.51 -14.27 -12.38
C ALA B 84 -10.39 -13.23 -12.40
N ASP B 85 -10.08 -12.64 -11.26
CA ASP B 85 -9.06 -11.60 -11.21
C ASP B 85 -7.82 -12.06 -10.45
N HIS B 86 -7.46 -13.31 -10.73
CA HIS B 86 -6.21 -13.91 -10.33
C HIS B 86 -5.05 -13.10 -10.90
N PRO B 87 -3.98 -12.88 -10.11
CA PRO B 87 -3.74 -13.31 -8.75
C PRO B 87 -4.17 -12.28 -7.73
N HIS B 88 -4.79 -12.73 -6.66
CA HIS B 88 -5.07 -11.82 -5.56
C HIS B 88 -3.76 -11.42 -4.89
N VAL B 89 -3.78 -10.29 -4.21
CA VAL B 89 -2.64 -9.91 -3.40
C VAL B 89 -3.01 -10.47 -2.05
N ALA B 90 -2.37 -11.58 -1.69
CA ALA B 90 -2.74 -12.36 -0.48
C ALA B 90 -2.17 -11.85 0.85
N LEU B 91 -2.26 -10.53 1.08
N LEU B 91 -2.23 -10.52 1.04
CA LEU B 91 -1.69 -9.95 2.30
CA LEU B 91 -1.77 -9.89 2.26
C LEU B 91 -2.41 -10.38 3.57
C LEU B 91 -2.44 -10.52 3.47
N ALA B 92 -3.75 -10.34 3.55
CA ALA B 92 -4.57 -10.77 4.69
C ALA B 92 -4.37 -12.25 5.02
N ALA B 93 -4.33 -13.11 4.00
CA ALA B 93 -4.07 -14.54 4.24
C ALA B 93 -2.63 -14.75 4.78
N THR B 94 -1.64 -14.05 4.22
CA THR B 94 -0.26 -14.16 4.72
C THR B 94 -0.10 -13.66 6.17
N ARG B 95 -0.73 -12.54 6.51
CA ARG B 95 -0.73 -12.08 7.89
C ARG B 95 -1.45 -13.08 8.81
N ALA B 96 -2.56 -13.65 8.35
CA ALA B 96 -3.32 -14.62 9.12
C ALA B 96 -2.50 -15.88 9.45
N PHE B 97 -1.73 -16.37 8.49
CA PHE B 97 -0.88 -17.55 8.66
C PHE B 97 0.10 -17.36 9.83
N TYR B 98 0.81 -16.23 9.84
CA TYR B 98 1.78 -15.98 10.91
C TYR B 98 1.13 -15.68 12.25
N TRP B 99 -0.09 -15.13 12.24
CA TRP B 99 -0.82 -14.94 13.46
C TRP B 99 -1.18 -16.26 14.12
N ILE B 100 -1.66 -17.19 13.30
CA ILE B 100 -2.05 -18.49 13.80
C ILE B 100 -0.78 -19.18 14.24
N GLU B 101 0.23 -19.06 13.40
CA GLU B 101 1.50 -19.74 13.59
C GLU B 101 2.17 -19.42 14.92
N ALA B 102 2.08 -18.17 15.35
CA ALA B 102 2.65 -17.77 16.63
C ALA B 102 2.05 -18.63 17.75
N GLN B 103 0.76 -18.94 17.64
N GLN B 103 0.76 -18.97 17.60
CA GLN B 103 0.06 -19.80 18.59
CA GLN B 103 0.00 -19.78 18.57
C GLN B 103 0.34 -21.30 18.37
C GLN B 103 0.09 -21.30 18.36
N SER B 104 0.28 -21.74 17.12
CA SER B 104 0.44 -23.16 16.79
C SER B 104 0.90 -23.39 15.34
N PRO B 105 2.19 -23.72 15.14
CA PRO B 105 2.68 -23.97 13.76
C PRO B 105 1.83 -24.98 12.95
N ASP B 106 1.31 -26.01 13.63
CA ASP B 106 0.49 -27.05 13.02
C ASP B 106 -0.86 -26.53 12.54
N ALA B 107 -1.47 -25.68 13.35
CA ALA B 107 -2.69 -25.00 12.97
C ALA B 107 -2.45 -24.10 11.73
N ALA B 108 -1.21 -23.61 11.61
CA ALA B 108 -0.87 -22.68 10.53
C ALA B 108 -0.74 -23.44 9.20
N THR B 109 -0.03 -24.57 9.22
CA THR B 109 0.01 -25.44 8.08
C THR B 109 -1.41 -25.79 7.63
N ALA B 110 -2.24 -26.22 8.58
CA ALA B 110 -3.65 -26.54 8.30
C ALA B 110 -4.39 -25.38 7.61
N PHE B 111 -4.28 -24.19 8.19
CA PHE B 111 -4.83 -22.98 7.62
C PHE B 111 -4.30 -22.71 6.20
N ALA B 112 -3.00 -22.87 5.99
CA ALA B 112 -2.39 -22.67 4.68
C ALA B 112 -2.99 -23.61 3.63
N GLN B 113 -3.12 -24.88 4.00
CA GLN B 113 -3.70 -25.87 3.08
C GLN B 113 -5.13 -25.46 2.71
N ARG B 114 -5.86 -24.88 3.67
CA ARG B 114 -7.25 -24.48 3.40
C ARG B 114 -7.32 -23.20 2.57
N VAL B 115 -6.30 -22.35 2.66
CA VAL B 115 -6.26 -21.19 1.77
C VAL B 115 -6.06 -21.63 0.29
N PHE B 116 -5.01 -22.40 0.02
CA PHE B 116 -4.71 -22.88 -1.34
C PHE B 116 -5.92 -23.51 -1.96
N ASP B 117 -6.63 -24.21 -1.12
CA ASP B 117 -7.63 -25.13 -1.49
C ASP B 117 -8.92 -24.35 -1.83
N LEU B 118 -9.22 -23.33 -1.02
CA LEU B 118 -10.36 -22.44 -1.27
C LEU B 118 -10.07 -21.42 -2.38
N TYR B 119 -8.84 -20.92 -2.41
CA TYR B 119 -8.44 -19.95 -3.40
C TYR B 119 -8.53 -20.54 -4.78
N PHE B 120 -8.07 -21.79 -4.91
CA PHE B 120 -7.99 -22.45 -6.20
C PHE B 120 -9.22 -23.26 -6.57
N SER B 121 -10.28 -23.10 -5.77
CA SER B 121 -11.61 -23.49 -6.20
C SER B 121 -12.53 -22.26 -6.29
N ASP B 122 -11.91 -21.09 -6.37
CA ASP B 122 -12.63 -19.85 -6.70
C ASP B 122 -13.55 -19.44 -5.56
N ARG B 123 -13.11 -19.65 -4.33
CA ARG B 123 -14.00 -19.50 -3.20
C ARG B 123 -13.50 -18.62 -2.07
N LEU B 124 -12.36 -17.96 -2.27
CA LEU B 124 -11.78 -17.15 -1.21
C LEU B 124 -11.00 -15.99 -1.78
N ASP B 125 -11.38 -14.79 -1.38
CA ASP B 125 -10.56 -13.59 -1.65
C ASP B 125 -9.51 -13.51 -0.55
N THR B 126 -8.27 -13.87 -0.89
CA THR B 126 -7.18 -13.91 0.10
C THR B 126 -6.64 -12.54 0.47
N ALA B 127 -7.10 -11.49 -0.24
CA ALA B 127 -6.79 -10.10 0.14
C ALA B 127 -7.72 -9.56 1.22
N SER B 128 -8.85 -10.22 1.42
CA SER B 128 -9.86 -9.69 2.33
C SER B 128 -9.69 -10.21 3.75
N PRO B 129 -9.38 -9.32 4.71
CA PRO B 129 -9.29 -9.72 6.11
C PRO B 129 -10.51 -10.48 6.57
N GLU B 130 -11.70 -9.95 6.25
CA GLU B 130 -12.99 -10.53 6.63
C GLU B 130 -13.18 -11.94 6.10
N ALA B 131 -12.94 -12.12 4.80
CA ALA B 131 -13.09 -13.41 4.13
C ALA B 131 -12.12 -14.45 4.68
N VAL B 132 -10.86 -14.02 4.88
CA VAL B 132 -9.81 -14.88 5.41
C VAL B 132 -10.13 -15.31 6.81
N SER B 133 -10.70 -14.39 7.59
CA SER B 133 -11.03 -14.61 9.01
CA SER B 133 -11.00 -14.66 9.00
C SER B 133 -12.16 -15.62 9.20
N ARG B 134 -12.91 -15.88 8.15
CA ARG B 134 -13.96 -16.90 8.21
C ARG B 134 -13.33 -18.32 8.18
N LEU B 135 -12.02 -18.40 7.91
CA LEU B 135 -11.30 -19.67 7.91
C LEU B 135 -10.87 -20.09 9.31
N GLY B 136 -10.81 -19.14 10.22
CA GLY B 136 -10.30 -19.39 11.57
C GLY B 136 -10.90 -20.54 12.38
N PRO B 137 -12.23 -20.75 12.31
CA PRO B 137 -12.82 -21.60 13.37
C PRO B 137 -13.23 -23.02 12.99
N GLU B 138 -12.02 -23.04 12.49
CA GLU B 138 -11.65 -24.18 11.70
C GLU B 138 -10.30 -24.69 12.14
N VAL B 139 -9.57 -23.79 12.74
CA VAL B 139 -8.37 -24.09 13.44
C VAL B 139 -8.66 -23.71 14.91
N GLY B 140 -9.94 -23.73 15.26
CA GLY B 140 -10.37 -23.40 16.60
C GLY B 140 -10.07 -21.98 17.02
N LEU B 141 -10.13 -21.07 16.05
CA LEU B 141 -9.86 -19.67 16.31
C LEU B 141 -11.08 -18.83 15.96
N GLU B 142 -11.40 -17.91 16.85
CA GLU B 142 -12.51 -17.00 16.67
C GLU B 142 -12.17 -16.00 15.57
N PRO B 143 -13.10 -15.75 14.61
CA PRO B 143 -12.85 -14.72 13.61
C PRO B 143 -12.32 -13.43 14.24
N GLU B 144 -13.07 -12.87 15.20
CA GLU B 144 -12.68 -11.68 15.96
C GLU B 144 -11.19 -11.60 16.27
N ALA B 145 -10.70 -12.64 16.95
CA ALA B 145 -9.30 -12.69 17.37
C ALA B 145 -8.35 -12.71 16.16
N LEU B 146 -8.60 -13.56 15.17
CA LEU B 146 -7.76 -13.55 13.96
C LEU B 146 -7.76 -12.15 13.34
N LEU B 147 -8.96 -11.60 13.12
CA LEU B 147 -9.13 -10.23 12.65
C LEU B 147 -8.33 -9.19 13.45
N ALA B 148 -8.41 -9.26 14.77
CA ALA B 148 -7.65 -8.35 15.62
C ALA B 148 -6.14 -8.51 15.40
N GLY B 149 -5.68 -9.78 15.43
CA GLY B 149 -4.26 -10.12 15.28
C GLY B 149 -3.60 -9.61 14.01
N ILE B 150 -4.23 -9.84 12.86
CA ILE B 150 -3.70 -9.28 11.61
C ILE B 150 -3.84 -7.76 11.49
N ALA B 151 -4.67 -7.14 12.34
CA ALA B 151 -4.73 -5.69 12.43
C ALA B 151 -3.81 -5.18 13.53
N ASP B 152 -3.01 -6.07 14.09
CA ASP B 152 -2.04 -5.69 15.12
C ASP B 152 -0.68 -5.31 14.53
N PRO B 153 -0.13 -4.15 14.95
CA PRO B 153 1.11 -3.58 14.40
C PRO B 153 2.34 -4.49 14.56
N ALA B 154 2.45 -5.18 15.69
CA ALA B 154 3.58 -6.06 15.96
C ALA B 154 3.65 -7.26 15.01
N LEU B 155 2.49 -7.80 14.65
CA LEU B 155 2.43 -8.88 13.67
CA LEU B 155 2.39 -8.88 13.66
C LEU B 155 2.73 -8.37 12.26
N LYS B 156 2.23 -7.18 11.93
CA LYS B 156 2.51 -6.56 10.63
C LYS B 156 4.01 -6.34 10.45
N GLU B 157 4.69 -5.93 11.51
CA GLU B 157 6.15 -5.84 11.53
C GLU B 157 6.80 -7.23 11.42
N THR B 158 6.23 -8.22 12.10
CA THR B 158 6.73 -9.61 12.01
C THR B 158 6.70 -10.18 10.58
N VAL B 159 5.57 -10.03 9.90
CA VAL B 159 5.43 -10.57 8.54
C VAL B 159 6.40 -9.87 7.59
N ARG B 160 6.58 -8.57 7.78
N ARG B 160 6.58 -8.57 7.80
CA ARG B 160 7.50 -7.81 6.93
CA ARG B 160 7.48 -7.74 7.01
C ARG B 160 8.94 -8.30 7.08
C ARG B 160 8.92 -8.26 7.09
N LYS B 161 9.35 -8.59 8.31
CA LYS B 161 10.68 -9.13 8.57
C LYS B 161 10.88 -10.52 7.93
N ILE B 162 9.87 -11.38 8.03
CA ILE B 162 9.89 -12.69 7.40
C ILE B 162 10.35 -12.60 5.94
N GLY B 163 9.66 -11.80 5.14
CA GLY B 163 10.00 -11.60 3.73
C GLY B 163 11.34 -10.93 3.45
N GLU B 164 11.72 -9.98 4.29
CA GLU B 164 13.02 -9.34 4.17
C GLU B 164 14.14 -10.32 4.51
N ASP B 165 13.92 -11.17 5.49
CA ASP B 165 14.86 -12.22 5.79
C ASP B 165 14.97 -13.21 4.64
N ALA B 166 13.85 -13.44 3.95
CA ALA B 166 13.82 -14.28 2.75
C ALA B 166 14.71 -13.76 1.63
N VAL B 167 14.53 -12.48 1.29
CA VAL B 167 15.41 -11.79 0.33
C VAL B 167 16.86 -12.03 0.71
N ALA B 168 17.20 -11.71 1.97
CA ALA B 168 18.56 -11.74 2.48
C ALA B 168 19.20 -13.12 2.41
N ARG B 169 18.37 -14.16 2.32
CA ARG B 169 18.85 -15.53 2.25
C ARG B 169 18.73 -16.14 0.84
N GLY B 170 18.54 -15.27 -0.15
CA GLY B 170 18.54 -15.70 -1.56
C GLY B 170 17.24 -16.30 -2.06
N ILE B 171 16.21 -16.27 -1.21
CA ILE B 171 14.92 -16.86 -1.53
C ILE B 171 14.13 -15.93 -2.42
N PHE B 172 13.76 -16.41 -3.61
CA PHE B 172 12.87 -15.70 -4.53
C PHE B 172 11.86 -16.67 -5.16
N GLY B 173 10.87 -16.15 -5.89
CA GLY B 173 9.86 -17.01 -6.53
C GLY B 173 9.01 -17.94 -5.66
N SER B 174 8.10 -18.65 -6.31
CA SER B 174 7.20 -19.58 -5.64
C SER B 174 6.90 -20.71 -6.62
N PRO B 175 7.01 -21.99 -6.18
CA PRO B 175 7.49 -22.44 -4.89
C PRO B 175 9.00 -22.48 -4.90
N PHE B 176 9.57 -22.19 -3.72
CA PHE B 176 10.99 -22.23 -3.51
C PHE B 176 11.23 -23.10 -2.28
N PHE B 177 12.10 -24.09 -2.43
CA PHE B 177 12.42 -25.05 -1.39
C PHE B 177 13.86 -24.90 -0.95
N LEU B 178 14.07 -24.99 0.36
CA LEU B 178 15.40 -24.89 0.90
C LEU B 178 15.62 -26.08 1.81
N VAL B 179 16.50 -27.00 1.41
CA VAL B 179 16.82 -28.16 2.26
C VAL B 179 18.31 -28.27 2.54
N ASP B 180 18.68 -28.27 3.82
CA ASP B 180 20.08 -28.32 4.24
C ASP B 180 20.89 -27.28 3.43
N ASP B 181 20.29 -26.11 3.26
CA ASP B 181 20.91 -24.96 2.58
C ASP B 181 21.05 -25.10 1.07
N GLU B 182 20.49 -26.17 0.50
CA GLU B 182 20.43 -26.31 -0.96
C GLU B 182 19.07 -25.84 -1.48
N PRO B 183 19.07 -24.78 -2.31
CA PRO B 183 17.86 -24.17 -2.85
C PRO B 183 17.33 -24.91 -4.08
N PHE B 184 16.01 -25.10 -4.14
CA PHE B 184 15.34 -25.66 -5.31
C PHE B 184 14.13 -24.81 -5.62
N TRP B 185 14.19 -24.10 -6.75
CA TRP B 185 13.09 -23.25 -7.21
C TRP B 185 12.24 -23.94 -8.27
N GLY B 186 10.95 -24.09 -7.98
CA GLY B 186 10.00 -24.65 -8.92
C GLY B 186 9.27 -25.90 -8.48
N TRP B 187 8.04 -26.03 -8.97
CA TRP B 187 7.24 -27.23 -8.81
C TRP B 187 7.91 -28.44 -9.46
N ASP B 188 8.45 -28.26 -10.67
CA ASP B 188 9.13 -29.36 -11.37
C ASP B 188 10.51 -29.68 -10.82
N ARG B 189 10.88 -29.08 -9.69
CA ARG B 189 12.15 -29.43 -9.05
C ARG B 189 11.99 -30.29 -7.81
N MSE B 190 10.77 -30.73 -7.52
CA MSE B 190 10.53 -31.54 -6.31
C MSE B 190 11.19 -32.91 -6.33
O MSE B 190 11.64 -33.40 -5.29
CB MSE B 190 9.04 -31.66 -5.99
CG MSE B 190 8.45 -30.35 -5.52
SE MSE B 190 6.54 -30.43 -5.26
CE MSE B 190 6.57 -31.07 -3.45
N GLU B 191 11.26 -33.54 -7.50
CA GLU B 191 11.91 -34.84 -7.60
C GLU B 191 13.43 -34.71 -7.52
N MSE B 192 13.99 -33.63 -8.06
CA MSE B 192 15.42 -33.34 -7.86
C MSE B 192 15.75 -33.11 -6.37
O MSE B 192 16.77 -33.61 -5.87
CB MSE B 192 15.87 -32.15 -8.69
CG MSE B 192 17.39 -31.95 -8.65
SE MSE B 192 18.06 -30.35 -9.52
CE MSE B 192 17.63 -30.77 -11.39
N MSE B 193 14.90 -32.36 -5.68
CA MSE B 193 15.12 -32.08 -4.26
C MSE B 193 15.09 -33.38 -3.45
O MSE B 193 15.92 -33.60 -2.58
CB MSE B 193 14.08 -31.10 -3.74
CG MSE B 193 14.17 -30.88 -2.25
SE MSE B 193 12.56 -30.01 -1.62
CE MSE B 193 11.26 -31.37 -2.13
N ALA B 194 14.12 -34.23 -3.78
CA ALA B 194 13.99 -35.54 -3.19
C ALA B 194 15.22 -36.41 -3.41
N GLU B 195 15.74 -36.40 -4.64
N GLU B 195 15.75 -36.41 -4.65
CA GLU B 195 16.94 -37.16 -5.01
CA GLU B 195 16.95 -37.17 -4.98
C GLU B 195 18.18 -36.62 -4.29
C GLU B 195 18.19 -36.62 -4.26
N TRP B 196 18.18 -35.31 -4.01
CA TRP B 196 19.22 -34.65 -3.22
C TRP B 196 19.21 -35.17 -1.78
N ILE B 197 18.00 -35.24 -1.20
CA ILE B 197 17.83 -35.69 0.17
C ILE B 197 18.21 -37.14 0.32
N ARG B 198 17.83 -37.98 -0.63
CA ARG B 198 18.07 -39.42 -0.54
C ARG B 198 19.55 -39.74 -0.62
N THR B 199 20.25 -39.10 -1.56
CA THR B 199 21.68 -39.35 -1.82
C THR B 199 22.59 -38.57 -0.89
N GLY B 200 22.08 -37.50 -0.31
CA GLY B 200 22.88 -36.59 0.50
C GLY B 200 23.50 -35.47 -0.32
N GLY B 201 23.25 -35.47 -1.64
CA GLY B 201 23.78 -34.45 -2.53
C GLY B 201 24.85 -34.99 -3.48
N TRP B 202 25.06 -34.29 -4.59
CA TRP B 202 26.09 -34.65 -5.56
C TRP B 202 26.95 -33.44 -5.90
N SER C 1 -13.17 34.81 41.86
CA SER C 1 -11.85 34.10 41.88
C SER C 1 -11.77 33.09 43.04
N ASN C 2 -11.07 31.99 42.80
CA ASN C 2 -10.81 30.96 43.82
C ASN C 2 -9.32 30.57 43.81
N ALA C 3 -8.97 29.45 44.46
CA ALA C 3 -7.56 29.03 44.61
C ALA C 3 -6.80 28.60 43.34
N MSE C 4 -7.50 28.44 42.22
CA MSE C 4 -6.88 28.03 40.96
C MSE C 4 -6.85 29.17 39.94
O MSE C 4 -7.65 30.11 40.03
CB MSE C 4 -7.68 26.88 40.35
CG MSE C 4 -8.08 25.79 41.31
SE MSE C 4 -6.52 24.79 41.91
CE MSE C 4 -5.98 23.95 40.23
N ASN C 5 -5.94 29.09 38.97
CA ASN C 5 -6.00 29.95 37.78
C ASN C 5 -7.34 29.83 37.06
N PRO C 6 -7.85 30.95 36.49
CA PRO C 6 -9.10 30.86 35.76
C PRO C 6 -8.89 30.30 34.34
N ILE C 7 -9.96 29.78 33.75
CA ILE C 7 -10.00 29.49 32.32
C ILE C 7 -10.21 30.81 31.58
N GLU C 8 -9.27 31.14 30.70
CA GLU C 8 -9.45 32.27 29.83
C GLU C 8 -10.30 31.82 28.66
N PHE C 9 -11.40 32.53 28.44
CA PHE C 9 -12.32 32.23 27.38
C PHE C 9 -12.21 33.34 26.32
N TRP C 10 -11.41 33.10 25.30
CA TRP C 10 -11.26 34.05 24.19
C TRP C 10 -12.25 33.74 23.05
N PHE C 11 -12.93 34.78 22.55
CA PHE C 11 -13.95 34.62 21.52
C PHE C 11 -14.26 35.89 20.71
N ASP C 12 -14.94 35.70 19.59
CA ASP C 12 -15.55 36.74 18.78
C ASP C 12 -17.05 36.50 18.95
N PHE C 13 -17.80 37.59 19.18
CA PHE C 13 -19.23 37.48 19.46
C PHE C 13 -20.05 36.89 18.32
N SER C 14 -19.59 37.07 17.09
CA SER C 14 -20.25 36.55 15.89
C SER C 14 -19.81 35.13 15.58
N SER C 15 -19.03 34.54 16.48
CA SER C 15 -18.52 33.17 16.26
C SER C 15 -19.55 32.14 16.69
N GLY C 16 -19.95 31.29 15.75
CA GLY C 16 -20.96 30.27 15.97
C GLY C 16 -20.53 29.26 17.02
N TYR C 17 -19.33 28.74 16.85
CA TYR C 17 -18.74 27.85 17.84
C TYR C 17 -18.54 28.52 19.20
N ALA C 18 -18.22 29.81 19.20
CA ALA C 18 -18.08 30.54 20.47
C ALA C 18 -19.40 30.54 21.19
N PHE C 19 -20.51 30.68 20.44
CA PHE C 19 -21.85 30.68 21.04
C PHE C 19 -22.09 29.41 21.81
N PHE C 20 -21.72 28.26 21.22
CA PHE C 20 -22.00 26.98 21.86
C PHE C 20 -21.17 26.82 23.14
N ALA C 21 -19.89 27.17 23.05
CA ALA C 21 -19.02 27.21 24.21
C ALA C 21 -19.56 28.12 25.33
N ALA C 22 -20.14 29.25 24.93
CA ALA C 22 -20.70 30.24 25.88
C ALA C 22 -21.86 29.68 26.69
N GLN C 23 -22.61 28.74 26.12
CA GLN C 23 -23.73 28.08 26.81
C GLN C 23 -23.21 27.07 27.83
N ARG C 24 -22.04 26.50 27.59
CA ARG C 24 -21.54 25.40 28.41
C ARG C 24 -20.52 25.84 29.48
N ILE C 25 -19.83 26.95 29.22
CA ILE C 25 -18.54 27.26 29.87
C ILE C 25 -18.55 27.46 31.40
N GLU C 26 -19.39 28.36 31.91
CA GLU C 26 -19.48 28.62 33.35
C GLU C 26 -19.81 27.36 34.13
N ALA C 27 -20.76 26.58 33.62
CA ALA C 27 -21.15 25.30 34.24
C ALA C 27 -19.99 24.29 34.26
N LEU C 28 -19.31 24.16 33.12
CA LEU C 28 -18.19 23.24 33.00
C LEU C 28 -17.08 23.58 34.00
N ALA C 29 -16.73 24.85 34.06
CA ALA C 29 -15.78 25.37 35.02
C ALA C 29 -16.19 25.08 36.47
N ALA C 30 -17.45 25.39 36.80
CA ALA C 30 -18.00 25.10 38.12
C ALA C 30 -17.87 23.63 38.46
N GLU C 31 -18.01 22.77 37.45
N GLU C 31 -18.02 22.77 37.45
CA GLU C 31 -17.81 21.33 37.62
CA GLU C 31 -17.80 21.33 37.62
C GLU C 31 -16.33 20.98 37.82
C GLU C 31 -16.33 21.01 37.86
N LEU C 32 -15.45 21.75 37.19
CA LEU C 32 -14.01 21.53 37.30
C LEU C 32 -13.36 22.31 38.45
N GLY C 33 -14.17 23.06 39.19
CA GLY C 33 -13.67 23.91 40.26
C GLY C 33 -12.84 25.08 39.75
N ARG C 34 -13.19 25.61 38.59
CA ARG C 34 -12.48 26.76 38.04
C ARG C 34 -13.38 27.99 37.85
N THR C 35 -12.79 29.18 37.87
CA THR C 35 -13.50 30.38 37.42
C THR C 35 -13.21 30.66 35.94
N VAL C 36 -13.95 31.60 35.37
CA VAL C 36 -13.89 31.90 33.93
C VAL C 36 -13.65 33.39 33.71
N LEU C 37 -12.63 33.70 32.94
CA LEU C 37 -12.39 35.06 32.49
C LEU C 37 -12.87 35.17 31.05
N TRP C 38 -13.92 35.96 30.83
CA TRP C 38 -14.46 36.20 29.49
C TRP C 38 -13.70 37.32 28.78
N ARG C 39 -13.21 37.02 27.60
CA ARG C 39 -12.37 37.93 26.83
C ARG C 39 -12.78 37.97 25.35
N PRO C 40 -13.71 38.89 25.00
CA PRO C 40 -14.01 39.11 23.58
C PRO C 40 -12.89 39.91 22.89
N TYR C 41 -12.65 39.58 21.62
CA TYR C 41 -11.68 40.30 20.79
C TYR C 41 -12.06 40.26 19.30
N MSE C 42 -11.50 41.19 18.53
CA MSE C 42 -11.85 41.35 17.13
C MSE C 42 -11.02 40.51 16.14
O MSE C 42 -11.49 40.18 15.05
CB MSE C 42 -11.81 42.83 16.75
CG MSE C 42 -12.84 43.70 17.48
SE MSE C 42 -14.66 42.99 17.33
CE MSE C 42 -15.02 43.44 15.49
N LEU C 43 -9.80 40.14 16.54
CA LEU C 43 -8.89 39.49 15.59
C LEU C 43 -9.03 37.95 15.57
N GLY C 44 -10.24 37.47 15.29
CA GLY C 44 -10.50 36.04 15.18
C GLY C 44 -11.92 35.74 14.72
N LEU C 55 -5.77 30.26 1.07
CA LEU C 55 -6.63 29.09 1.01
C LEU C 55 -8.07 29.45 0.63
N SER C 56 -8.70 28.59 -0.19
CA SER C 56 -10.06 28.81 -0.69
C SER C 56 -10.98 27.61 -0.40
N SER C 57 -11.98 27.38 -1.26
CA SER C 57 -13.11 26.50 -0.96
C SER C 57 -13.76 26.93 0.35
N THR C 58 -13.71 28.23 0.62
CA THR C 58 -14.25 28.82 1.84
C THR C 58 -15.77 29.06 1.73
N PRO C 59 -16.32 29.09 0.50
CA PRO C 59 -17.77 28.83 0.37
C PRO C 59 -18.17 27.41 0.80
N LEU C 60 -17.27 26.44 0.60
CA LEU C 60 -17.45 25.05 1.09
C LEU C 60 -17.32 25.00 2.61
N LYS C 61 -16.36 25.74 3.15
CA LYS C 61 -16.13 25.79 4.58
C LYS C 61 -17.32 26.44 5.27
N ARG C 62 -17.78 27.57 4.73
CA ARG C 62 -18.94 28.32 5.25
C ARG C 62 -20.19 27.44 5.25
N ASP C 63 -20.37 26.69 4.16
CA ASP C 63 -21.51 25.80 4.00
C ASP C 63 -21.47 24.70 5.06
N TYR C 64 -20.28 24.16 5.30
CA TYR C 64 -20.10 23.11 6.29
C TYR C 64 -20.34 23.59 7.71
N ALA C 65 -19.81 24.76 8.03
CA ALA C 65 -19.94 25.32 9.37
C ALA C 65 -21.41 25.61 9.72
N GLN C 66 -22.17 25.96 8.71
CA GLN C 66 -23.58 26.29 8.83
C GLN C 66 -24.36 25.02 9.17
N ARG C 67 -24.11 23.98 8.39
CA ARG C 67 -24.68 22.68 8.61
C ARG C 67 -24.28 22.17 9.98
N ASP C 68 -23.00 22.38 10.33
CA ASP C 68 -22.47 21.94 11.61
C ASP C 68 -23.15 22.61 12.81
N TRP C 69 -23.30 23.94 12.74
CA TRP C 69 -23.98 24.70 13.80
C TRP C 69 -25.42 24.23 14.02
N ALA C 70 -26.13 24.00 12.92
CA ALA C 70 -27.51 23.55 12.97
C ALA C 70 -27.63 22.15 13.59
N ARG C 71 -26.67 21.30 13.26
CA ARG C 71 -26.52 19.94 13.79
C ARG C 71 -26.33 19.98 15.29
N ILE C 72 -25.38 20.79 15.74
CA ILE C 72 -25.02 20.88 17.13
C ILE C 72 -26.17 21.43 17.91
N ALA C 73 -26.75 22.53 17.41
CA ALA C 73 -27.88 23.19 18.09
C ALA C 73 -29.10 22.28 18.24
N ARG C 74 -29.25 21.38 17.29
CA ARG C 74 -30.38 20.47 17.23
C ARG C 74 -30.22 19.35 18.26
N GLN C 75 -29.01 18.80 18.34
CA GLN C 75 -28.66 17.71 19.25
C GLN C 75 -28.80 18.12 20.71
N ARG C 76 -28.58 19.39 21.02
CA ARG C 76 -28.55 19.89 22.40
C ARG C 76 -29.79 20.69 22.75
N GLY C 77 -30.69 20.80 21.78
CA GLY C 77 -31.93 21.54 21.95
C GLY C 77 -31.72 23.02 22.18
N LEU C 78 -30.80 23.62 21.44
CA LEU C 78 -30.49 25.03 21.61
C LEU C 78 -31.10 25.86 20.50
N THR C 79 -31.47 27.10 20.85
CA THR C 79 -31.89 28.07 19.85
C THR C 79 -30.67 28.56 19.08
N PHE C 80 -30.73 28.43 17.77
CA PHE C 80 -29.67 28.92 16.92
C PHE C 80 -30.23 29.56 15.66
N ARG C 81 -30.36 30.88 15.73
CA ARG C 81 -30.86 31.68 14.62
C ARG C 81 -29.93 32.88 14.53
N PRO C 82 -28.85 32.77 13.74
CA PRO C 82 -28.03 33.95 13.48
C PRO C 82 -28.80 34.95 12.61
N PRO C 83 -28.42 36.24 12.65
CA PRO C 83 -29.07 37.23 11.79
C PRO C 83 -28.87 36.88 10.31
N ALA C 84 -29.76 37.37 9.44
CA ALA C 84 -29.71 37.08 8.00
C ALA C 84 -28.41 37.54 7.34
N ASP C 85 -27.98 38.76 7.67
CA ASP C 85 -26.70 39.27 7.17
C ASP C 85 -25.54 38.94 8.13
N HIS C 86 -25.48 37.68 8.53
CA HIS C 86 -24.42 37.17 9.42
C HIS C 86 -23.12 37.01 8.61
N PRO C 87 -21.95 37.23 9.24
CA PRO C 87 -21.71 37.64 10.64
C PRO C 87 -21.52 39.14 10.84
N HIS C 88 -22.08 39.68 11.90
CA HIS C 88 -21.88 41.08 12.21
C HIS C 88 -20.47 41.33 12.73
N VAL C 89 -20.00 42.57 12.57
CA VAL C 89 -18.71 42.99 13.13
C VAL C 89 -18.99 43.53 14.54
N ALA C 90 -18.80 42.66 15.53
CA ALA C 90 -19.22 42.90 16.92
C ALA C 90 -18.38 43.90 17.74
N LEU C 91 -17.91 44.95 17.06
CA LEU C 91 -17.07 45.99 17.68
C LEU C 91 -17.78 46.72 18.82
N ALA C 92 -19.01 47.17 18.57
CA ALA C 92 -19.81 47.86 19.58
C ALA C 92 -19.97 47.01 20.84
N ALA C 93 -20.36 45.76 20.65
CA ALA C 93 -20.60 44.84 21.76
C ALA C 93 -19.31 44.52 22.50
N THR C 94 -18.23 44.34 21.76
CA THR C 94 -16.93 44.05 22.37
C THR C 94 -16.44 45.26 23.20
N ARG C 95 -16.56 46.46 22.64
CA ARG C 95 -16.16 47.67 23.35
C ARG C 95 -16.98 47.82 24.63
N ALA C 96 -18.27 47.51 24.53
CA ALA C 96 -19.22 47.58 25.64
C ALA C 96 -18.85 46.61 26.76
N PHE C 97 -18.33 45.44 26.38
CA PHE C 97 -17.92 44.45 27.35
C PHE C 97 -16.87 45.01 28.31
N TYR C 98 -15.88 45.70 27.76
CA TYR C 98 -14.77 46.17 28.55
C TYR C 98 -15.11 47.43 29.33
N TRP C 99 -16.05 48.22 28.79
CA TRP C 99 -16.55 49.38 29.52
C TRP C 99 -17.24 48.93 30.81
N ILE C 100 -18.04 47.87 30.70
CA ILE C 100 -18.78 47.30 31.81
C ILE C 100 -17.84 46.61 32.80
N GLU C 101 -16.93 45.80 32.27
CA GLU C 101 -15.94 45.10 33.10
C GLU C 101 -15.11 46.05 33.96
N ALA C 102 -14.86 47.25 33.45
CA ALA C 102 -14.16 48.27 34.22
C ALA C 102 -14.88 48.49 35.53
N GLN C 103 -16.21 48.61 35.46
CA GLN C 103 -17.04 48.85 36.64
C GLN C 103 -17.38 47.57 37.41
N SER C 104 -17.68 46.49 36.67
CA SER C 104 -18.04 45.20 37.26
C SER C 104 -17.79 44.02 36.30
N PRO C 105 -16.81 43.17 36.64
CA PRO C 105 -16.54 41.96 35.87
C PRO C 105 -17.76 41.02 35.84
N ASP C 106 -18.38 40.82 37.01
CA ASP C 106 -19.61 40.00 37.13
C ASP C 106 -20.69 40.50 36.19
N ALA C 107 -20.87 41.81 36.14
CA ALA C 107 -21.80 42.42 35.21
C ALA C 107 -21.38 42.17 33.74
N ALA C 108 -20.07 42.13 33.50
CA ALA C 108 -19.57 41.96 32.14
C ALA C 108 -19.93 40.60 31.56
N THR C 109 -19.80 39.57 32.41
CA THR C 109 -20.20 38.21 32.05
C THR C 109 -21.70 38.10 31.80
N ALA C 110 -22.51 38.69 32.68
CA ALA C 110 -23.95 38.75 32.47
C ALA C 110 -24.27 39.37 31.11
N PHE C 111 -23.60 40.48 30.83
CA PHE C 111 -23.77 41.18 29.55
C PHE C 111 -23.37 40.30 28.37
N ALA C 112 -22.21 39.65 28.49
CA ALA C 112 -21.69 38.80 27.41
C ALA C 112 -22.64 37.64 27.16
N GLN C 113 -23.11 37.02 28.24
CA GLN C 113 -24.11 35.96 28.17
C GLN C 113 -25.35 36.39 27.39
N ARG C 114 -25.82 37.61 27.68
CA ARG C 114 -27.02 38.15 27.05
C ARG C 114 -26.80 38.39 25.56
N VAL C 115 -25.64 38.93 25.21
CA VAL C 115 -25.28 39.27 23.84
C VAL C 115 -25.23 38.02 22.94
N PHE C 116 -24.74 36.91 23.47
CA PHE C 116 -24.73 35.66 22.74
C PHE C 116 -26.14 35.15 22.49
N ASP C 117 -26.94 35.11 23.55
CA ASP C 117 -28.35 34.71 23.47
C ASP C 117 -29.17 35.55 22.50
N LEU C 118 -29.02 36.88 22.54
CA LEU C 118 -29.80 37.78 21.67
C LEU C 118 -29.37 37.74 20.20
N TYR C 119 -28.06 37.76 19.94
CA TYR C 119 -27.52 37.74 18.58
C TYR C 119 -27.84 36.43 17.83
N PHE C 120 -27.77 35.31 18.53
CA PHE C 120 -28.08 34.01 17.94
C PHE C 120 -29.54 33.59 18.12
N SER C 121 -30.39 34.56 18.39
CA SER C 121 -31.84 34.38 18.23
C SER C 121 -32.39 35.54 17.39
N ASP C 122 -31.49 36.18 16.65
CA ASP C 122 -31.80 37.28 15.70
C ASP C 122 -32.43 38.51 16.35
N ARG C 123 -31.89 38.93 17.49
CA ARG C 123 -32.53 40.00 18.26
C ARG C 123 -31.64 41.21 18.53
N LEU C 124 -30.42 41.21 17.99
CA LEU C 124 -29.45 42.25 18.33
C LEU C 124 -28.43 42.50 17.23
N ASP C 125 -28.36 43.75 16.79
CA ASP C 125 -27.30 44.21 15.91
C ASP C 125 -26.10 44.58 16.79
N THR C 126 -25.08 43.72 16.81
CA THR C 126 -23.93 43.92 17.72
C THR C 126 -22.91 44.90 17.16
N ALA C 127 -23.11 45.30 15.90
CA ALA C 127 -22.36 46.39 15.27
C ALA C 127 -22.88 47.76 15.70
N SER C 128 -24.10 47.79 16.21
CA SER C 128 -24.81 49.02 16.49
C SER C 128 -24.66 49.48 17.94
N PRO C 129 -24.01 50.65 18.17
CA PRO C 129 -23.90 51.26 19.48
C PRO C 129 -25.25 51.40 20.16
N GLU C 130 -26.24 51.97 19.48
CA GLU C 130 -27.56 52.20 20.09
C GLU C 130 -28.29 50.91 20.50
N ALA C 131 -28.20 49.89 19.66
CA ALA C 131 -28.85 48.60 19.93
C ALA C 131 -28.24 47.91 21.13
N VAL C 132 -26.91 47.89 21.19
CA VAL C 132 -26.18 47.31 22.31
C VAL C 132 -26.43 48.11 23.59
N SER C 133 -26.52 49.44 23.48
CA SER C 133 -26.73 50.29 24.65
C SER C 133 -28.04 50.01 25.38
N ARG C 134 -28.93 49.29 24.73
CA ARG C 134 -30.22 48.90 25.33
C ARG C 134 -30.08 47.71 26.28
N LEU C 135 -28.89 47.12 26.33
CA LEU C 135 -28.60 46.06 27.29
C LEU C 135 -28.11 46.64 28.61
N GLY C 136 -27.82 47.93 28.61
CA GLY C 136 -27.38 48.64 29.82
C GLY C 136 -28.15 48.32 31.10
N PRO C 137 -29.47 48.61 31.14
CA PRO C 137 -30.26 48.47 32.37
C PRO C 137 -30.27 47.07 33.01
N GLU C 138 -30.20 46.02 32.19
CA GLU C 138 -30.18 44.65 32.71
C GLU C 138 -28.89 44.36 33.48
N VAL C 139 -27.80 45.03 33.09
CA VAL C 139 -26.54 45.00 33.84
C VAL C 139 -26.47 46.18 34.83
N GLY C 140 -27.56 46.93 34.94
CA GLY C 140 -27.62 48.06 35.88
C GLY C 140 -26.89 49.31 35.44
N LEU C 141 -26.93 49.59 34.13
CA LEU C 141 -26.27 50.78 33.58
C LEU C 141 -27.16 51.61 32.66
N GLU C 142 -26.91 52.91 32.64
CA GLU C 142 -27.66 53.86 31.84
C GLU C 142 -27.26 53.70 30.37
N PRO C 143 -28.24 53.65 29.44
CA PRO C 143 -27.90 53.46 28.03
C PRO C 143 -27.09 54.62 27.49
N GLU C 144 -27.47 55.84 27.89
CA GLU C 144 -26.72 57.04 27.55
C GLU C 144 -25.28 56.95 28.05
N ALA C 145 -25.10 56.39 29.25
CA ALA C 145 -23.79 56.29 29.88
C ALA C 145 -22.93 55.22 29.22
N LEU C 146 -23.56 54.14 28.77
CA LEU C 146 -22.84 53.11 28.03
C LEU C 146 -22.43 53.59 26.64
N LEU C 147 -23.33 54.32 25.98
CA LEU C 147 -23.11 54.84 24.62
C LEU C 147 -21.88 55.73 24.54
N ALA C 148 -21.86 56.74 25.42
CA ALA C 148 -20.76 57.69 25.49
C ALA C 148 -19.46 57.05 25.98
N GLY C 149 -19.57 56.08 26.88
CA GLY C 149 -18.41 55.38 27.42
C GLY C 149 -17.65 54.64 26.33
N ILE C 150 -18.36 53.83 25.54
CA ILE C 150 -17.75 53.06 24.46
C ILE C 150 -17.37 53.92 23.24
N ALA C 151 -17.78 55.18 23.26
CA ALA C 151 -17.48 56.10 22.18
C ALA C 151 -16.21 56.90 22.46
N ASP C 152 -15.66 56.70 23.65
CA ASP C 152 -14.42 57.36 24.07
C ASP C 152 -13.19 56.78 23.35
N PRO C 153 -12.34 57.67 22.79
CA PRO C 153 -11.13 57.23 22.09
C PRO C 153 -10.22 56.32 22.93
N ALA C 154 -10.02 56.65 24.21
CA ALA C 154 -9.14 55.87 25.08
C ALA C 154 -9.59 54.42 25.21
N LEU C 155 -10.90 54.22 25.36
CA LEU C 155 -11.48 52.88 25.47
C LEU C 155 -11.36 52.09 24.15
N LYS C 156 -11.70 52.75 23.04
CA LYS C 156 -11.47 52.19 21.71
C LYS C 156 -10.05 51.68 21.63
N GLU C 157 -9.08 52.57 21.85
CA GLU C 157 -7.66 52.25 21.87
C GLU C 157 -7.43 50.97 22.66
N THR C 158 -7.74 51.05 23.96
CA THR C 158 -7.50 49.96 24.91
C THR C 158 -8.02 48.59 24.42
N VAL C 159 -9.30 48.52 24.06
CA VAL C 159 -9.90 47.28 23.58
C VAL C 159 -9.09 46.66 22.42
N ARG C 160 -9.01 47.38 21.29
CA ARG C 160 -8.21 46.97 20.15
C ARG C 160 -6.81 46.49 20.59
N LYS C 161 -6.25 47.08 21.65
CA LYS C 161 -4.95 46.64 22.16
C LYS C 161 -5.01 45.37 23.01
N ILE C 162 -6.14 45.13 23.67
CA ILE C 162 -6.35 43.85 24.35
C ILE C 162 -6.23 42.70 23.35
N GLY C 163 -6.99 42.78 22.26
CA GLY C 163 -6.95 41.80 21.16
C GLY C 163 -5.67 41.76 20.33
N GLU C 164 -5.02 42.91 20.17
CA GLU C 164 -3.69 42.98 19.55
C GLU C 164 -2.64 42.26 20.40
N ASP C 165 -2.78 42.35 21.72
N ASP C 165 -2.79 42.37 21.73
CA ASP C 165 -1.84 41.69 22.62
CA ASP C 165 -1.89 41.69 22.65
C ASP C 165 -2.03 40.16 22.62
C ASP C 165 -2.05 40.18 22.52
N ALA C 166 -3.28 39.73 22.75
CA ALA C 166 -3.64 38.30 22.67
C ALA C 166 -3.12 37.60 21.40
N VAL C 167 -3.27 38.26 20.25
CA VAL C 167 -2.78 37.74 18.97
C VAL C 167 -1.28 37.51 18.97
N ALA C 168 -0.52 38.50 19.45
CA ALA C 168 0.94 38.42 19.43
C ALA C 168 1.47 37.50 20.52
N ARG C 169 0.59 37.15 21.46
CA ARG C 169 0.95 36.30 22.57
C ARG C 169 0.43 34.86 22.42
N GLY C 170 -0.01 34.50 21.22
CA GLY C 170 -0.36 33.12 20.89
C GLY C 170 -1.83 32.78 20.74
N ILE C 171 -2.71 33.71 21.09
CA ILE C 171 -4.15 33.51 20.97
C ILE C 171 -4.52 33.76 19.53
N PHE C 172 -5.35 32.86 18.99
CA PHE C 172 -5.93 33.02 17.67
C PHE C 172 -7.29 32.34 17.65
N GLY C 173 -8.09 32.62 16.62
CA GLY C 173 -9.39 31.99 16.44
C GLY C 173 -10.45 32.31 17.48
N SER C 174 -11.53 31.52 17.43
CA SER C 174 -12.70 31.68 18.27
C SER C 174 -13.50 30.38 18.22
N PRO C 175 -13.72 29.71 19.38
CA PRO C 175 -13.26 30.05 20.73
C PRO C 175 -11.88 29.51 21.04
N PHE C 176 -11.16 30.18 21.93
CA PHE C 176 -9.82 29.79 22.29
C PHE C 176 -9.68 29.87 23.81
N PHE C 177 -9.47 28.72 24.44
CA PHE C 177 -9.36 28.65 25.90
C PHE C 177 -7.93 28.50 26.34
N LEU C 178 -7.59 29.15 27.43
N LEU C 178 -7.61 29.17 27.43
CA LEU C 178 -6.26 29.03 28.03
CA LEU C 178 -6.31 29.05 28.07
C LEU C 178 -6.42 28.73 29.52
C LEU C 178 -6.55 28.65 29.51
N VAL C 179 -5.85 27.62 29.96
CA VAL C 179 -5.87 27.25 31.38
C VAL C 179 -4.48 26.81 31.82
N ASP C 180 -3.96 27.43 32.88
CA ASP C 180 -2.61 27.17 33.36
C ASP C 180 -1.60 27.22 32.19
N ASP C 181 -1.83 28.16 31.28
CA ASP C 181 -0.98 28.32 30.10
C ASP C 181 -1.09 27.24 29.04
N GLU C 182 -2.00 26.30 29.24
CA GLU C 182 -2.24 25.29 28.22
C GLU C 182 -3.32 25.79 27.26
N PRO C 183 -3.00 25.85 25.96
CA PRO C 183 -3.92 26.29 24.91
C PRO C 183 -4.85 25.21 24.39
N PHE C 184 -6.13 25.54 24.29
CA PHE C 184 -7.11 24.66 23.70
C PHE C 184 -7.94 25.47 22.73
N TRP C 185 -7.71 25.23 21.45
CA TRP C 185 -8.43 25.93 20.41
C TRP C 185 -9.62 25.12 19.93
N GLY C 186 -10.81 25.69 20.05
CA GLY C 186 -12.04 25.09 19.52
C GLY C 186 -13.05 24.64 20.56
N TRP C 187 -14.31 24.64 20.14
CA TRP C 187 -15.42 24.15 20.94
C TRP C 187 -15.33 22.65 21.16
N ASP C 188 -14.86 21.93 20.15
CA ASP C 188 -14.75 20.49 20.27
C ASP C 188 -13.51 20.07 21.08
N ARG C 189 -12.84 21.08 21.64
CA ARG C 189 -11.67 20.85 22.50
C ARG C 189 -11.93 21.23 23.96
N MSE C 190 -13.19 21.57 24.28
CA MSE C 190 -13.61 21.74 25.67
C MSE C 190 -13.47 20.45 26.48
O MSE C 190 -13.05 20.51 27.64
CB MSE C 190 -15.07 22.24 25.75
CG MSE C 190 -15.31 23.54 25.05
SE MSE C 190 -17.05 24.26 25.43
CE MSE C 190 -16.57 25.17 27.06
N GLU C 191 -13.80 19.30 25.87
CA GLU C 191 -13.65 18.00 26.55
C GLU C 191 -12.19 17.68 26.88
N MSE C 192 -11.26 17.99 25.97
CA MSE C 192 -9.85 17.72 26.26
C MSE C 192 -9.33 18.63 27.36
O MSE C 192 -8.58 18.19 28.24
CB MSE C 192 -8.98 17.88 25.02
CG MSE C 192 -7.54 17.51 25.31
SE MSE C 192 -6.43 17.78 23.78
CE MSE C 192 -7.42 16.63 22.55
N MSE C 193 -9.72 19.90 27.28
CA MSE C 193 -9.41 20.88 28.30
C MSE C 193 -9.98 20.44 29.64
O MSE C 193 -9.31 20.57 30.67
CB MSE C 193 -9.98 22.23 27.90
CG MSE C 193 -9.66 23.33 28.90
SE MSE C 193 -10.89 24.78 28.72
CE MSE C 193 -12.53 23.88 29.24
N ALA C 194 -11.21 19.93 29.63
CA ALA C 194 -11.84 19.38 30.83
C ALA C 194 -10.91 18.36 31.46
N GLU C 195 -10.48 17.36 30.69
CA GLU C 195 -9.67 16.29 31.27
C GLU C 195 -8.26 16.72 31.65
N TRP C 196 -7.72 17.68 30.90
CA TRP C 196 -6.46 18.29 31.25
C TRP C 196 -6.54 18.78 32.70
N ILE C 197 -7.61 19.50 33.01
CA ILE C 197 -7.79 20.11 34.32
C ILE C 197 -7.95 19.06 35.41
N ARG C 198 -8.75 18.03 35.15
CA ARG C 198 -8.97 16.93 36.12
C ARG C 198 -7.68 16.16 36.46
N THR C 199 -7.01 15.66 35.43
CA THR C 199 -5.76 14.93 35.57
C THR C 199 -4.61 15.86 35.99
N GLY C 200 -4.77 17.16 35.76
CA GLY C 200 -3.72 18.14 36.01
C GLY C 200 -2.59 18.05 34.98
N GLY C 201 -2.91 17.52 33.79
CA GLY C 201 -1.97 17.50 32.67
C GLY C 201 -1.33 16.15 32.36
N TRP C 202 -0.85 16.01 31.12
CA TRP C 202 -0.11 14.81 30.72
C TRP C 202 0.98 15.16 29.70
N MSE D 4 -21.80 -1.85 3.67
CA MSE D 4 -20.77 -1.62 2.60
C MSE D 4 -21.06 -0.36 1.76
O MSE D 4 -20.57 -0.23 0.62
CB MSE D 4 -20.59 -2.88 1.73
N ASN D 5 -21.88 0.54 2.29
CA ASN D 5 -21.80 1.96 1.97
C ASN D 5 -20.80 2.45 3.04
N PRO D 6 -19.52 2.61 2.64
CA PRO D 6 -18.42 2.75 3.60
C PRO D 6 -18.36 4.11 4.28
N ILE D 7 -17.72 4.13 5.44
CA ILE D 7 -17.21 5.37 6.00
C ILE D 7 -16.02 5.80 5.12
N GLU D 8 -16.19 6.92 4.45
CA GLU D 8 -15.21 7.47 3.51
C GLU D 8 -14.24 8.36 4.28
N PHE D 9 -12.96 8.00 4.27
CA PHE D 9 -11.95 8.68 5.06
C PHE D 9 -10.99 9.47 4.14
N TRP D 10 -11.26 10.77 4.00
CA TRP D 10 -10.41 11.66 3.18
C TRP D 10 -9.36 12.36 4.01
N PHE D 11 -8.14 12.38 3.49
CA PHE D 11 -7.03 12.89 4.26
C PHE D 11 -5.87 13.26 3.36
N ASP D 12 -4.94 14.03 3.90
CA ASP D 12 -3.64 14.26 3.27
C ASP D 12 -2.65 13.42 4.07
N PHE D 13 -1.71 12.76 3.41
CA PHE D 13 -0.68 11.96 4.13
C PHE D 13 0.20 12.85 5.04
N SER D 14 0.33 14.11 4.67
CA SER D 14 1.12 15.05 5.46
C SER D 14 0.33 15.72 6.58
N SER D 15 -0.80 15.12 6.96
CA SER D 15 -1.69 15.72 7.93
C SER D 15 -1.58 15.04 9.28
N GLY D 16 -1.07 15.75 10.28
CA GLY D 16 -0.89 15.19 11.62
C GLY D 16 -2.18 14.63 12.22
N TYR D 17 -3.29 15.35 12.07
CA TYR D 17 -4.57 14.91 12.60
C TYR D 17 -5.06 13.63 11.90
N ALA D 18 -4.79 13.53 10.60
CA ALA D 18 -5.09 12.31 9.82
C ALA D 18 -4.28 11.12 10.34
N PHE D 19 -3.05 11.37 10.76
CA PHE D 19 -2.25 10.31 11.40
C PHE D 19 -3.03 9.68 12.56
N PHE D 20 -3.45 10.51 13.51
CA PHE D 20 -4.18 10.00 14.68
C PHE D 20 -5.48 9.33 14.26
N ALA D 21 -6.23 9.99 13.38
CA ALA D 21 -7.44 9.42 12.79
C ALA D 21 -7.17 8.05 12.22
N ALA D 22 -6.05 7.89 11.51
CA ALA D 22 -5.70 6.64 10.86
C ALA D 22 -5.40 5.53 11.84
N GLN D 23 -5.05 5.88 13.09
CA GLN D 23 -4.78 4.85 14.10
C GLN D 23 -6.08 4.20 14.56
N ARG D 24 -7.14 4.99 14.57
CA ARG D 24 -8.37 4.60 15.23
C ARG D 24 -9.48 4.15 14.26
N ILE D 25 -9.41 4.62 13.01
CA ILE D 25 -10.55 4.54 12.08
C ILE D 25 -11.09 3.14 11.75
N GLU D 26 -10.21 2.16 11.53
CA GLU D 26 -10.65 0.80 11.19
C GLU D 26 -11.31 0.09 12.37
N ALA D 27 -10.73 0.25 13.57
CA ALA D 27 -11.30 -0.28 14.80
C ALA D 27 -12.62 0.36 15.12
N LEU D 28 -12.73 1.67 14.86
CA LEU D 28 -13.99 2.37 15.12
C LEU D 28 -15.13 1.92 14.19
N ALA D 29 -14.84 1.83 12.89
CA ALA D 29 -15.82 1.34 11.92
C ALA D 29 -16.20 -0.12 12.20
N ALA D 30 -15.24 -0.92 12.67
CA ALA D 30 -15.54 -2.30 13.06
C ALA D 30 -16.52 -2.35 14.23
N GLU D 31 -16.27 -1.53 15.26
CA GLU D 31 -17.17 -1.40 16.40
C GLU D 31 -18.59 -1.04 15.95
N LEU D 32 -18.68 -0.14 14.97
CA LEU D 32 -19.98 0.31 14.45
C LEU D 32 -20.46 -0.52 13.26
N GLY D 33 -19.72 -1.57 12.89
CA GLY D 33 -20.14 -2.45 11.80
C GLY D 33 -20.13 -1.81 10.42
N ARG D 34 -19.23 -0.86 10.23
CA ARG D 34 -19.07 -0.22 8.93
C ARG D 34 -17.68 -0.55 8.38
N THR D 35 -17.47 -0.30 7.09
CA THR D 35 -16.14 -0.40 6.49
C THR D 35 -15.62 1.00 6.18
N VAL D 36 -14.33 1.08 5.89
CA VAL D 36 -13.67 2.34 5.60
C VAL D 36 -13.17 2.33 4.16
N LEU D 37 -13.34 3.44 3.49
CA LEU D 37 -12.70 3.64 2.20
C LEU D 37 -11.71 4.75 2.43
N TRP D 38 -10.42 4.45 2.20
CA TRP D 38 -9.36 5.40 2.41
C TRP D 38 -9.16 6.20 1.13
N ARG D 39 -9.15 7.50 1.27
CA ARG D 39 -9.11 8.35 0.11
C ARG D 39 -8.07 9.45 0.29
N PRO D 40 -6.78 9.15 0.02
CA PRO D 40 -5.82 10.24 0.13
C PRO D 40 -6.07 11.22 -0.99
N TYR D 41 -5.81 12.50 -0.74
CA TYR D 41 -5.85 13.53 -1.77
C TYR D 41 -4.93 14.70 -1.41
N MSE D 42 -4.68 15.58 -2.38
CA MSE D 42 -3.71 16.63 -2.20
C MSE D 42 -4.30 17.85 -1.51
O MSE D 42 -5.45 18.21 -1.73
CB MSE D 42 -3.09 17.01 -3.55
CG MSE D 42 -2.43 15.86 -4.31
SE MSE D 42 -0.98 15.01 -3.32
CE MSE D 42 0.26 16.51 -3.33
N LEU D 43 -3.50 18.50 -0.68
CA LEU D 43 -3.98 19.59 0.14
C LEU D 43 -3.01 20.79 0.19
N SER D 57 -0.79 29.64 8.61
CA SER D 57 -0.41 31.01 8.23
C SER D 57 0.71 31.57 9.13
N THR D 58 0.53 31.45 10.45
CA THR D 58 1.54 31.86 11.46
C THR D 58 2.74 30.90 11.25
N PRO D 59 3.93 31.09 11.88
CA PRO D 59 4.70 31.12 13.15
C PRO D 59 4.21 30.59 14.49
N LEU D 60 2.93 30.36 14.71
CA LEU D 60 2.42 30.21 16.08
C LEU D 60 1.15 29.37 16.11
N LYS D 61 0.41 29.39 15.01
CA LYS D 61 -0.56 28.36 14.72
C LYS D 61 0.19 27.04 14.44
N ARG D 62 1.41 27.15 13.92
CA ARG D 62 2.32 25.98 13.82
C ARG D 62 2.74 25.51 15.20
N ASP D 63 3.20 26.45 16.02
CA ASP D 63 3.51 26.20 17.43
C ASP D 63 2.38 25.43 18.13
N TYR D 64 1.15 25.92 17.98
CA TYR D 64 -0.02 25.28 18.60
C TYR D 64 -0.24 23.87 18.04
N ALA D 65 -0.31 23.73 16.73
CA ALA D 65 -0.61 22.41 16.15
C ALA D 65 0.44 21.39 16.63
N GLN D 66 1.70 21.79 16.60
CA GLN D 66 2.79 20.93 17.06
C GLN D 66 2.57 20.54 18.50
N ARG D 67 2.24 21.52 19.33
CA ARG D 67 1.97 21.30 20.75
C ARG D 67 0.74 20.42 20.93
N ASP D 68 -0.29 20.67 20.12
CA ASP D 68 -1.50 19.86 20.14
C ASP D 68 -1.23 18.41 19.76
N TRP D 69 -0.47 18.20 18.69
CA TRP D 69 -0.12 16.84 18.24
C TRP D 69 0.69 16.05 19.25
N ALA D 70 1.65 16.72 19.89
CA ALA D 70 2.46 16.10 20.93
C ALA D 70 1.58 15.72 22.13
N ARG D 71 0.62 16.59 22.48
CA ARG D 71 -0.40 16.32 23.51
C ARG D 71 -1.15 15.02 23.28
N ILE D 72 -1.77 14.95 22.10
CA ILE D 72 -2.57 13.81 21.65
C ILE D 72 -1.76 12.52 21.65
N ALA D 73 -0.55 12.56 21.09
CA ALA D 73 0.34 11.41 21.05
C ALA D 73 0.69 10.91 22.45
N ARG D 74 1.12 11.83 23.31
CA ARG D 74 1.53 11.54 24.67
C ARG D 74 0.39 10.91 25.47
N GLN D 75 -0.80 11.52 25.41
CA GLN D 75 -2.00 11.05 26.14
C GLN D 75 -2.31 9.59 25.80
N ARG D 76 -1.77 9.16 24.70
CA ARG D 76 -2.27 8.00 24.00
C ARG D 76 -1.17 6.96 23.82
N GLY D 77 0.04 7.30 24.25
CA GLY D 77 1.17 6.38 24.24
C GLY D 77 1.67 6.10 22.84
N LEU D 78 1.72 7.14 22.02
CA LEU D 78 2.11 7.00 20.64
C LEU D 78 3.42 7.75 20.37
N THR D 79 4.20 7.23 19.44
CA THR D 79 5.37 7.93 18.92
C THR D 79 4.88 8.81 17.78
N PHE D 80 5.30 10.07 17.79
CA PHE D 80 4.91 11.02 16.78
C PHE D 80 6.07 11.91 16.47
N ARG D 81 6.62 11.77 15.27
CA ARG D 81 7.85 12.47 14.89
C ARG D 81 7.82 12.80 13.41
N PRO D 82 7.28 13.99 13.09
CA PRO D 82 7.31 14.45 11.71
C PRO D 82 8.73 14.86 11.34
N PRO D 83 9.07 14.82 10.04
CA PRO D 83 10.41 15.20 9.61
C PRO D 83 10.62 16.69 9.79
N ALA D 84 11.87 17.13 9.78
CA ALA D 84 12.19 18.55 9.99
C ALA D 84 11.48 19.52 9.03
N ASP D 85 11.28 19.11 7.78
CA ASP D 85 10.67 19.97 6.77
C ASP D 85 9.20 19.59 6.46
N HIS D 86 8.53 19.07 7.49
CA HIS D 86 7.11 18.80 7.47
C HIS D 86 6.39 20.10 7.24
N PRO D 87 5.36 20.11 6.36
CA PRO D 87 4.82 18.95 5.64
C PRO D 87 5.37 18.75 4.23
N HIS D 88 5.70 17.52 3.89
CA HIS D 88 6.08 17.19 2.52
C HIS D 88 4.86 17.27 1.60
N VAL D 89 5.11 17.45 0.31
CA VAL D 89 4.07 17.39 -0.70
C VAL D 89 4.02 15.93 -1.07
N ALA D 90 3.00 15.23 -0.56
CA ALA D 90 2.88 13.75 -0.69
C ALA D 90 2.31 13.22 -2.03
N LEU D 91 2.80 13.80 -3.13
CA LEU D 91 2.27 13.46 -4.46
CA LEU D 91 2.33 13.47 -4.48
C LEU D 91 2.57 12.01 -4.84
N ALA D 92 3.81 11.59 -4.64
CA ALA D 92 4.29 10.28 -5.06
C ALA D 92 3.58 9.19 -4.27
N ALA D 93 3.48 9.37 -2.95
CA ALA D 93 2.75 8.45 -2.08
C ALA D 93 1.27 8.37 -2.44
N THR D 94 0.63 9.51 -2.73
CA THR D 94 -0.77 9.56 -3.16
C THR D 94 -1.00 8.85 -4.50
N ARG D 95 -0.14 9.10 -5.49
CA ARG D 95 -0.21 8.34 -6.74
C ARG D 95 -0.01 6.83 -6.50
N ALA D 96 0.96 6.47 -5.66
CA ALA D 96 1.25 5.07 -5.37
C ALA D 96 0.02 4.35 -4.81
N PHE D 97 -0.62 4.98 -3.83
CA PHE D 97 -1.84 4.46 -3.26
C PHE D 97 -2.83 4.05 -4.34
N TYR D 98 -3.21 4.97 -5.22
CA TYR D 98 -4.18 4.64 -6.28
C TYR D 98 -3.66 3.62 -7.25
N TRP D 99 -2.36 3.58 -7.48
CA TRP D 99 -1.81 2.51 -8.32
C TRP D 99 -2.10 1.17 -7.66
N ILE D 100 -1.84 1.10 -6.35
CA ILE D 100 -2.02 -0.12 -5.60
C ILE D 100 -3.51 -0.43 -5.54
N GLU D 101 -4.33 0.56 -5.14
CA GLU D 101 -5.79 0.38 -5.10
C GLU D 101 -6.31 -0.24 -6.37
N ALA D 102 -5.85 0.24 -7.52
CA ALA D 102 -6.31 -0.33 -8.80
C ALA D 102 -6.18 -1.88 -8.80
N GLN D 103 -5.13 -2.40 -8.16
CA GLN D 103 -4.89 -3.87 -8.04
CA GLN D 103 -4.93 -3.85 -8.08
C GLN D 103 -5.61 -4.52 -6.87
N SER D 104 -5.44 -3.96 -5.68
N SER D 104 -5.44 -3.97 -5.68
CA SER D 104 -6.10 -4.45 -4.48
CA SER D 104 -6.10 -4.48 -4.47
C SER D 104 -6.41 -3.30 -3.55
C SER D 104 -6.41 -3.35 -3.52
N PRO D 105 -7.70 -2.97 -3.38
CA PRO D 105 -8.06 -1.94 -2.39
C PRO D 105 -7.50 -2.20 -0.98
N ASP D 106 -7.36 -3.47 -0.61
CA ASP D 106 -6.93 -3.90 0.72
C ASP D 106 -5.45 -3.65 0.90
N ALA D 107 -4.68 -3.94 -0.16
CA ALA D 107 -3.25 -3.65 -0.19
C ALA D 107 -3.01 -2.14 -0.11
N ALA D 108 -3.97 -1.36 -0.61
CA ALA D 108 -3.84 0.09 -0.66
C ALA D 108 -3.98 0.67 0.74
N THR D 109 -4.95 0.14 1.48
CA THR D 109 -5.17 0.53 2.87
C THR D 109 -3.90 0.22 3.67
N ALA D 110 -3.40 -1.00 3.55
CA ALA D 110 -2.19 -1.43 4.24
C ALA D 110 -1.01 -0.54 3.88
N PHE D 111 -0.82 -0.28 2.59
CA PHE D 111 0.15 0.68 2.12
C PHE D 111 -0.03 2.07 2.76
N ALA D 112 -1.27 2.57 2.83
CA ALA D 112 -1.55 3.88 3.45
C ALA D 112 -1.18 3.93 4.93
N GLN D 113 -1.43 2.82 5.64
CA GLN D 113 -1.12 2.72 7.05
C GLN D 113 0.40 2.74 7.24
N ARG D 114 1.11 2.14 6.27
CA ARG D 114 2.57 2.07 6.30
C ARG D 114 3.18 3.46 6.14
N VAL D 115 2.66 4.21 5.18
CA VAL D 115 3.13 5.56 4.91
C VAL D 115 2.98 6.44 6.15
N PHE D 116 1.82 6.39 6.79
CA PHE D 116 1.57 7.22 7.98
C PHE D 116 2.58 6.90 9.06
N ASP D 117 2.73 5.59 9.32
CA ASP D 117 3.62 5.06 10.32
C ASP D 117 5.06 5.56 10.07
N LEU D 118 5.53 5.44 8.83
CA LEU D 118 6.93 5.81 8.52
C LEU D 118 7.08 7.33 8.37
N TYR D 119 6.12 7.98 7.71
CA TYR D 119 6.25 9.41 7.54
C TYR D 119 6.27 10.04 8.92
N PHE D 120 5.43 9.54 9.82
CA PHE D 120 5.33 10.16 11.16
C PHE D 120 6.24 9.54 12.18
N SER D 121 7.22 8.79 11.72
CA SER D 121 8.35 8.45 12.58
C SER D 121 9.64 8.97 11.94
N ASP D 122 9.50 9.89 10.99
CA ASP D 122 10.63 10.62 10.41
C ASP D 122 11.48 9.70 9.55
N ARG D 123 10.83 8.87 8.76
CA ARG D 123 11.56 7.83 8.05
C ARG D 123 11.14 7.68 6.61
N LEU D 124 10.33 8.59 6.10
CA LEU D 124 9.89 8.51 4.70
C LEU D 124 9.66 9.89 4.09
N ASP D 125 10.33 10.13 2.98
CA ASP D 125 10.00 11.27 2.15
C ASP D 125 8.87 10.85 1.20
N THR D 126 7.66 11.30 1.48
CA THR D 126 6.48 10.88 0.70
C THR D 126 6.38 11.59 -0.62
N ALA D 127 7.28 12.56 -0.84
CA ALA D 127 7.35 13.30 -2.09
C ALA D 127 8.20 12.57 -3.13
N SER D 128 9.01 11.61 -2.69
CA SER D 128 9.97 10.95 -3.56
C SER D 128 9.47 9.62 -4.13
N PRO D 129 9.32 9.54 -5.46
CA PRO D 129 8.91 8.30 -6.10
C PRO D 129 9.78 7.12 -5.70
N GLU D 130 11.10 7.30 -5.67
CA GLU D 130 12.01 6.23 -5.26
C GLU D 130 11.79 5.76 -3.81
N ALA D 131 11.73 6.69 -2.87
CA ALA D 131 11.62 6.34 -1.45
C ALA D 131 10.29 5.63 -1.19
N VAL D 132 9.23 6.15 -1.82
CA VAL D 132 7.88 5.62 -1.66
C VAL D 132 7.83 4.21 -2.22
N SER D 133 8.47 3.99 -3.37
CA SER D 133 8.44 2.72 -4.06
C SER D 133 9.11 1.57 -3.30
N ARG D 134 9.88 1.93 -2.26
CA ARG D 134 10.49 0.92 -1.40
C ARG D 134 9.48 0.25 -0.47
N LEU D 135 8.30 0.85 -0.34
CA LEU D 135 7.22 0.30 0.46
C LEU D 135 6.51 -0.88 -0.24
N GLY D 136 6.65 -0.95 -1.57
CA GLY D 136 5.97 -1.96 -2.40
C GLY D 136 6.04 -3.42 -1.96
N PRO D 137 7.24 -3.90 -1.58
CA PRO D 137 7.41 -5.25 -1.04
C PRO D 137 6.46 -5.60 0.12
N GLU D 138 6.19 -4.66 1.02
CA GLU D 138 5.24 -4.93 2.11
CA GLU D 138 5.23 -4.86 2.10
C GLU D 138 3.90 -5.44 1.58
N VAL D 139 3.55 -5.07 0.35
CA VAL D 139 2.27 -5.51 -0.24
C VAL D 139 2.45 -6.38 -1.49
N GLY D 140 3.59 -7.07 -1.57
CA GLY D 140 3.85 -7.99 -2.66
C GLY D 140 4.49 -7.37 -3.88
N LEU D 141 4.01 -6.20 -4.26
CA LEU D 141 4.35 -5.54 -5.53
C LEU D 141 5.82 -5.12 -5.62
N GLU D 142 6.40 -5.32 -6.80
CA GLU D 142 7.81 -5.08 -7.04
C GLU D 142 8.04 -3.58 -7.22
N PRO D 143 9.04 -3.00 -6.51
CA PRO D 143 9.30 -1.56 -6.63
C PRO D 143 9.26 -1.05 -8.07
N GLU D 144 10.11 -1.63 -8.93
N GLU D 144 10.11 -1.63 -8.92
CA GLU D 144 10.15 -1.30 -10.35
CA GLU D 144 10.15 -1.32 -10.35
C GLU D 144 8.76 -1.07 -10.95
C GLU D 144 8.76 -1.06 -10.93
N ALA D 145 7.82 -1.98 -10.65
CA ALA D 145 6.46 -1.90 -11.20
C ALA D 145 5.67 -0.72 -10.65
N LEU D 146 5.76 -0.50 -9.34
CA LEU D 146 5.11 0.64 -8.71
C LEU D 146 5.66 1.90 -9.35
N LEU D 147 6.99 2.00 -9.42
CA LEU D 147 7.64 3.12 -10.06
C LEU D 147 7.09 3.44 -11.45
N ALA D 148 7.02 2.42 -12.32
CA ALA D 148 6.44 2.59 -13.66
C ALA D 148 5.00 3.05 -13.54
N GLY D 149 4.26 2.42 -12.64
CA GLY D 149 2.84 2.68 -12.41
C GLY D 149 2.45 4.09 -12.01
N ILE D 150 3.26 4.75 -11.17
CA ILE D 150 2.98 6.14 -10.81
C ILE D 150 3.53 7.12 -11.83
N ALA D 151 4.37 6.62 -12.74
CA ALA D 151 4.86 7.41 -13.89
C ALA D 151 3.92 7.27 -15.09
N ASP D 152 2.85 6.51 -14.92
CA ASP D 152 1.86 6.33 -15.97
C ASP D 152 0.97 7.56 -16.09
N PRO D 153 0.83 8.09 -17.34
CA PRO D 153 -0.01 9.26 -17.58
C PRO D 153 -1.47 9.04 -17.19
N ALA D 154 -2.06 7.95 -17.66
CA ALA D 154 -3.43 7.60 -17.30
C ALA D 154 -3.68 7.55 -15.78
N LEU D 155 -2.79 6.94 -15.02
CA LEU D 155 -2.95 6.97 -13.57
C LEU D 155 -2.85 8.39 -12.99
N LYS D 156 -1.90 9.18 -13.49
CA LYS D 156 -1.79 10.58 -13.05
C LYS D 156 -3.10 11.36 -13.27
N GLU D 157 -3.77 11.12 -14.41
CA GLU D 157 -5.11 11.64 -14.61
C GLU D 157 -6.12 11.12 -13.57
N THR D 158 -6.12 9.80 -13.34
CA THR D 158 -6.99 9.18 -12.32
C THR D 158 -6.90 9.93 -10.98
N VAL D 159 -5.68 10.17 -10.51
CA VAL D 159 -5.47 10.81 -9.22
C VAL D 159 -5.92 12.28 -9.23
N ARG D 160 -5.79 12.92 -10.39
CA ARG D 160 -6.20 14.32 -10.55
C ARG D 160 -7.73 14.40 -10.48
N LYS D 161 -8.39 13.42 -11.10
CA LYS D 161 -9.85 13.32 -11.07
C LYS D 161 -10.42 13.00 -9.69
N ILE D 162 -9.70 12.18 -8.91
CA ILE D 162 -10.08 11.89 -7.52
C ILE D 162 -10.13 13.18 -6.69
N GLY D 163 -9.08 14.00 -6.77
CA GLY D 163 -9.07 15.30 -6.10
C GLY D 163 -10.16 16.27 -6.58
N GLU D 164 -10.55 16.16 -7.85
CA GLU D 164 -11.60 16.98 -8.43
C GLU D 164 -13.00 16.50 -8.05
N ASP D 165 -13.23 15.20 -8.04
CA ASP D 165 -14.47 14.63 -7.55
C ASP D 165 -14.75 15.10 -6.11
N ALA D 166 -13.71 15.09 -5.27
CA ALA D 166 -13.83 15.46 -3.86
C ALA D 166 -14.17 16.93 -3.65
N VAL D 167 -13.47 17.80 -4.39
CA VAL D 167 -13.79 19.22 -4.43
C VAL D 167 -15.26 19.42 -4.79
N ALA D 168 -15.68 18.82 -5.91
CA ALA D 168 -17.04 18.98 -6.42
C ALA D 168 -18.07 18.59 -5.36
N ARG D 169 -17.74 17.56 -4.58
CA ARG D 169 -18.66 16.99 -3.58
C ARG D 169 -18.53 17.63 -2.21
N GLY D 170 -17.85 18.78 -2.15
CA GLY D 170 -17.77 19.55 -0.91
C GLY D 170 -16.67 19.12 0.07
N ILE D 171 -15.88 18.12 -0.32
CA ILE D 171 -14.82 17.60 0.54
C ILE D 171 -13.67 18.58 0.60
N PHE D 172 -13.30 18.98 1.81
CA PHE D 172 -12.14 19.85 2.05
C PHE D 172 -11.39 19.41 3.32
N GLY D 173 -10.19 19.95 3.54
CA GLY D 173 -9.42 19.64 4.75
C GLY D 173 -9.07 18.17 4.99
N SER D 174 -8.55 17.88 6.17
CA SER D 174 -8.03 16.57 6.47
C SER D 174 -7.85 16.45 7.97
N PRO D 175 -8.41 15.38 8.58
CA PRO D 175 -9.23 14.35 7.97
C PRO D 175 -10.67 14.84 7.81
N PHE D 176 -11.35 14.33 6.80
CA PHE D 176 -12.72 14.67 6.52
C PHE D 176 -13.43 13.35 6.28
N PHE D 177 -14.49 13.09 7.02
CA PHE D 177 -15.23 11.84 6.92
C PHE D 177 -16.59 12.05 6.25
N LEU D 178 -16.94 11.13 5.37
CA LEU D 178 -18.24 11.17 4.73
C LEU D 178 -18.96 9.84 5.03
N VAL D 179 -20.03 9.89 5.83
CA VAL D 179 -20.84 8.69 6.08
C VAL D 179 -22.32 8.94 5.74
N ASP D 180 -22.87 8.11 4.85
CA ASP D 180 -24.25 8.26 4.37
C ASP D 180 -24.50 9.73 4.03
N ASP D 181 -23.56 10.30 3.29
CA ASP D 181 -23.62 11.69 2.86
C ASP D 181 -23.66 12.78 3.96
N GLU D 182 -23.48 12.41 5.22
CA GLU D 182 -23.27 13.40 6.28
C GLU D 182 -21.77 13.63 6.55
N PRO D 183 -21.33 14.89 6.50
CA PRO D 183 -19.90 15.20 6.59
C PRO D 183 -19.43 15.50 8.02
N PHE D 184 -18.21 15.06 8.34
CA PHE D 184 -17.58 15.32 9.63
C PHE D 184 -16.12 15.66 9.41
N TRP D 185 -15.75 16.89 9.78
CA TRP D 185 -14.40 17.39 9.59
C TRP D 185 -13.66 17.51 10.89
N GLY D 186 -12.53 16.81 10.95
CA GLY D 186 -11.62 16.85 12.07
C GLY D 186 -11.47 15.48 12.72
N TRP D 187 -10.28 15.25 13.25
CA TRP D 187 -10.00 14.13 14.14
C TRP D 187 -10.89 14.13 15.40
N ASP D 188 -11.18 15.32 15.92
CA ASP D 188 -12.02 15.41 17.11
C ASP D 188 -13.53 15.30 16.83
N ARG D 189 -13.89 15.02 15.59
CA ARG D 189 -15.28 14.74 15.26
C ARG D 189 -15.53 13.25 15.03
N MSE D 190 -14.58 12.41 15.39
CA MSE D 190 -14.77 10.95 15.25
C MSE D 190 -15.86 10.39 16.17
O MSE D 190 -16.57 9.45 15.81
CB MSE D 190 -13.47 10.18 15.38
CG MSE D 190 -12.54 10.43 14.20
SE MSE D 190 -10.87 9.52 14.38
CE MSE D 190 -11.46 7.71 13.98
N GLU D 191 -15.99 10.99 17.36
CA GLU D 191 -17.03 10.59 18.30
C GLU D 191 -18.41 11.10 17.86
N MSE D 192 -18.47 12.29 17.28
CA MSE D 192 -19.74 12.77 16.77
C MSE D 192 -20.20 11.93 15.59
O MSE D 192 -21.38 11.63 15.45
CB MSE D 192 -19.72 14.24 16.40
CG MSE D 192 -21.10 14.77 16.13
SE MSE D 192 -21.08 16.44 15.22
CE MSE D 192 -20.42 17.58 16.65
N MSE D 193 -19.26 11.54 14.73
CA MSE D 193 -19.59 10.67 13.62
C MSE D 193 -20.16 9.33 14.12
O MSE D 193 -21.24 8.92 13.68
CB MSE D 193 -18.36 10.44 12.75
CG MSE D 193 -18.65 9.67 11.51
SE MSE D 193 -17.06 8.97 10.72
CE MSE D 193 -16.11 8.23 12.23
N ALA D 194 -19.46 8.70 15.05
CA ALA D 194 -19.87 7.42 15.64
C ALA D 194 -21.26 7.48 16.24
N GLU D 195 -21.56 8.58 16.93
CA GLU D 195 -22.87 8.82 17.52
C GLU D 195 -23.94 9.03 16.44
N TRP D 196 -23.55 9.62 15.32
CA TRP D 196 -24.44 9.80 14.18
C TRP D 196 -24.78 8.44 13.56
N ILE D 197 -23.77 7.60 13.39
CA ILE D 197 -23.96 6.24 12.88
C ILE D 197 -24.82 5.37 13.81
N ARG D 198 -24.57 5.43 15.12
CA ARG D 198 -25.30 4.60 16.09
C ARG D 198 -26.74 5.00 16.19
N THR D 199 -27.02 6.30 16.10
CA THR D 199 -28.37 6.80 16.28
C THR D 199 -29.19 6.85 14.99
N GLY D 200 -28.50 6.84 13.84
CA GLY D 200 -29.13 7.07 12.56
C GLY D 200 -29.16 8.55 12.21
N GLY D 201 -28.93 9.41 13.20
CA GLY D 201 -28.90 10.85 12.98
C GLY D 201 -29.93 11.58 13.81
N TRP D 202 -29.75 12.89 13.92
CA TRP D 202 -30.65 13.74 14.69
C TRP D 202 -30.87 15.03 13.90
N1 GSH E . 12.04 -22.89 -16.89
CA1 GSH E . 13.49 -22.92 -16.87
C1 GSH E . 14.01 -24.31 -17.07
O11 GSH E . 14.80 -24.54 -18.02
O12 GSH E . 13.67 -25.24 -16.32
CB1 GSH E . 14.03 -22.01 -17.98
CG1 GSH E . 13.86 -20.55 -17.57
CD1 GSH E . 15.21 -19.95 -17.27
OE1 GSH E . 15.50 -19.42 -16.01
N2 GSH E . 16.09 -19.99 -18.27
CA2 GSH E . 16.12 -18.98 -19.31
C2 GSH E . 14.75 -18.78 -19.95
O2 GSH E . 13.99 -19.86 -20.44
CB2 GSH E . 17.21 -19.36 -20.30
SG2 GSH E . 18.71 -20.07 -19.55
N3 GSH E . 14.28 -17.53 -20.03
CA3 GSH E . 12.88 -17.25 -19.78
C3 GSH E . 12.49 -15.78 -19.92
O31 GSH E . 13.17 -14.99 -20.61
O32 GSH E . 11.46 -15.36 -19.34
CA CA F . 26.96 -32.58 -27.63
N1 GSH G . 7.05 -24.07 -10.44
CA1 GSH G . 7.99 -23.78 -11.49
C1 GSH G . 7.48 -24.46 -12.71
O11 GSH G . 7.23 -23.82 -13.75
O12 GSH G . 7.30 -25.69 -12.66
CB1 GSH G . 8.08 -22.27 -11.69
CG1 GSH G . 7.59 -21.54 -10.44
CD1 GSH G . 7.04 -20.21 -10.87
OE1 GSH G . 7.61 -19.50 -11.95
N2 GSH G . 6.02 -19.76 -10.17
CA2 GSH G . 5.71 -18.35 -10.09
C2 GSH G . 6.80 -17.54 -9.44
O2 GSH G . 8.06 -18.13 -9.14
CB2 GSH G . 4.42 -18.20 -9.30
SG2 GSH G . 3.31 -19.55 -9.76
N3 GSH G . 6.50 -16.26 -9.18
CA3 GSH G . 6.98 -15.20 -10.06
C3 GSH G . 8.46 -14.92 -9.86
O31 GSH G . 9.31 -15.83 -9.99
O32 GSH G . 8.85 -13.75 -9.57
N1 GSH H . -15.09 24.84 17.57
CA1 GSH H . -14.04 24.69 16.59
C1 GSH H . -14.20 23.38 15.91
O11 GSH H . -13.35 23.02 15.06
O12 GSH H . -15.17 22.64 16.18
CB1 GSH H . -14.21 25.79 15.57
CG1 GSH H . -13.30 26.99 15.78
CD1 GSH H . -13.33 27.79 14.49
OE1 GSH H . -13.21 27.11 13.25
N2 GSH H . -13.48 29.11 14.61
CA2 GSH H . -14.57 29.90 14.03
C2 GSH H . -14.18 31.35 13.88
O2 GSH H . -14.86 32.38 14.59
CB2 GSH H . -15.79 29.75 14.91
SG2 GSH H . -17.31 30.42 14.20
N3 GSH H . -13.18 31.61 13.05
CA3 GSH H . -11.97 32.33 13.43
C3 GSH H . -11.16 32.76 12.22
O31 GSH H . -11.20 32.10 11.16
O32 GSH H . -10.45 33.78 12.27
CA CA I . -27.31 31.51 27.46
C1 EDO J . -2.60 2.21 26.87
O1 EDO J . -2.68 1.75 25.52
C2 EDO J . -1.14 2.27 27.34
O2 EDO J . -0.42 3.20 26.52
C1 PGE K . -11.43 -5.47 7.15
O1 PGE K . -11.74 -6.38 6.09
C2 PGE K . -11.19 -4.06 6.61
O2 PGE K . -9.81 -3.83 6.28
C3 PGE K . -9.56 -4.00 4.86
C4 PGE K . -8.70 -2.90 4.23
O4 PGE K . -11.39 -2.80 0.63
C6 PGE K . -11.16 -2.19 1.91
C5 PGE K . -9.69 -1.95 2.21
O3 PGE K . -9.48 -1.84 3.63
#